data_8EP8
# 
_entry.id   8EP8 
# 
_audit_conform.dict_name       mmcif_pdbx.dic 
_audit_conform.dict_version    5.392 
_audit_conform.dict_location   http://mmcif.pdb.org/dictionaries/ascii/mmcif_pdbx.dic 
# 
loop_
_database_2.database_id 
_database_2.database_code 
_database_2.pdbx_database_accession 
_database_2.pdbx_DOI 
PDB   8EP8         pdb_00008ep8 10.2210/pdb8ep8/pdb 
WWPDB D_1000269152 ?            ?                   
# 
loop_
_pdbx_audit_revision_history.ordinal 
_pdbx_audit_revision_history.data_content_type 
_pdbx_audit_revision_history.major_revision 
_pdbx_audit_revision_history.minor_revision 
_pdbx_audit_revision_history.revision_date 
1 'Structure model' 1 0 2023-03-08 
2 'Structure model' 1 1 2023-03-15 
3 'Structure model' 1 2 2024-05-22 
# 
_pdbx_audit_revision_details.ordinal             1 
_pdbx_audit_revision_details.revision_ordinal    1 
_pdbx_audit_revision_details.data_content_type   'Structure model' 
_pdbx_audit_revision_details.provider            repository 
_pdbx_audit_revision_details.type                'Initial release' 
_pdbx_audit_revision_details.description         ? 
_pdbx_audit_revision_details.details             ? 
# 
loop_
_pdbx_audit_revision_group.ordinal 
_pdbx_audit_revision_group.revision_ordinal 
_pdbx_audit_revision_group.data_content_type 
_pdbx_audit_revision_group.group 
1 2 'Structure model' 'Database references' 
2 3 'Structure model' 'Data collection'     
# 
loop_
_pdbx_audit_revision_category.ordinal 
_pdbx_audit_revision_category.revision_ordinal 
_pdbx_audit_revision_category.data_content_type 
_pdbx_audit_revision_category.category 
1 2 'Structure model' citation        
2 2 'Structure model' citation_author 
3 3 'Structure model' chem_comp_atom  
4 3 'Structure model' chem_comp_bond  
# 
loop_
_pdbx_audit_revision_item.ordinal 
_pdbx_audit_revision_item.revision_ordinal 
_pdbx_audit_revision_item.data_content_type 
_pdbx_audit_revision_item.item 
1 2 'Structure model' '_citation.journal_volume'          
2 2 'Structure model' '_citation.page_first'              
3 2 'Structure model' '_citation.page_last'               
4 2 'Structure model' '_citation_author.identifier_ORCID' 
# 
_pdbx_database_status.status_code                     REL 
_pdbx_database_status.status_code_sf                  REL 
_pdbx_database_status.status_code_mr                  ? 
_pdbx_database_status.entry_id                        8EP8 
_pdbx_database_status.recvd_initial_deposition_date   2022-10-05 
_pdbx_database_status.SG_entry                        N 
_pdbx_database_status.deposit_site                    RCSB 
_pdbx_database_status.process_site                    RCSB 
_pdbx_database_status.status_code_cs                  ? 
_pdbx_database_status.status_code_nmr_data            ? 
_pdbx_database_status.methods_development_category    ? 
_pdbx_database_status.pdb_format_compatible           Y 
# 
_pdbx_contact_author.id                 2 
_pdbx_contact_author.email              mao@purdue.edu 
_pdbx_contact_author.name_first         Chengde 
_pdbx_contact_author.name_last          Mao 
_pdbx_contact_author.name_mi            ? 
_pdbx_contact_author.role               'principal investigator/group leader' 
_pdbx_contact_author.identifier_ORCID   0000-0001-7516-8666 
# 
loop_
_audit_author.name 
_audit_author.pdbx_ordinal 
_audit_author.identifier_ORCID 
'Zhang, C.'    1 0000-0003-3342-7003 
'Zhao, J.'     2 ?                   
'Lu, B.'       3 ?                   
'Sha, R.'      4 0000-0002-0807-734X 
'Seeman, N.C.' 5 0000-0002-9680-4649 
'Noinaj, N.'   6 ?                   
'Mao, C.'      7 0000-0001-7516-8666 
# 
_citation.abstract                  ? 
_citation.abstract_id_CAS           ? 
_citation.book_id_ISBN              ? 
_citation.book_publisher            ? 
_citation.book_publisher_city       ? 
_citation.book_title                ? 
_citation.coordinate_linkage        ? 
_citation.country                   US 
_citation.database_id_Medline       ? 
_citation.details                   ? 
_citation.id                        primary 
_citation.journal_abbrev            J.Am.Chem.Soc. 
_citation.journal_id_ASTM           JACSAT 
_citation.journal_id_CSD            ? 
_citation.journal_id_ISSN           1520-5126 
_citation.journal_full              ? 
_citation.journal_issue             ? 
_citation.journal_volume            145 
_citation.language                  ? 
_citation.page_first                4853 
_citation.page_last                 4859 
_citation.title                     'Engineering DNA Crystals toward Studying DNA-Guest Molecule Interactions.' 
_citation.year                      2023 
_citation.database_id_CSD           ? 
_citation.pdbx_database_id_DOI      10.1021/jacs.3c00081 
_citation.pdbx_database_id_PubMed   36791277 
_citation.pdbx_database_id_patent   ? 
_citation.unpublished_flag          ? 
# 
loop_
_citation_author.citation_id 
_citation_author.name 
_citation_author.ordinal 
_citation_author.identifier_ORCID 
primary 'Zhang, C.'    1 ? 
primary 'Zhao, J.'     2 ? 
primary 'Lu, B.'       3 ? 
primary 'Seeman, N.C.' 4 ? 
primary 'Sha, R.'      5 ? 
primary 'Noinaj, N.'   6 ? 
primary 'Mao, C.'      7 ? 
# 
loop_
_entity.id 
_entity.type 
_entity.src_method 
_entity.pdbx_description 
_entity.formula_weight 
_entity.pdbx_number_of_molecules 
_entity.pdbx_ec 
_entity.pdbx_mutation 
_entity.pdbx_fragment 
_entity.details 
1 polymer syn 
;DNA (5'-D(*CP*GP*AP*CP*G)-3')
;
1505.025 1 ? ? ? ? 
2 polymer syn 
;DNA (5'-D(P*CP*GP*TP*GP*GP*A)-3')
;
1849.241 1 ? ? ? ? 
3 polymer syn 
;DNA (5'-D(P*TP*CP*CP*GP*C)-3')
;
1455.987 1 ? ? ? ? 
# 
loop_
_entity_poly.entity_id 
_entity_poly.type 
_entity_poly.nstd_linkage 
_entity_poly.nstd_monomer 
_entity_poly.pdbx_seq_one_letter_code 
_entity_poly.pdbx_seq_one_letter_code_can 
_entity_poly.pdbx_strand_id 
_entity_poly.pdbx_target_identifier 
1 polydeoxyribonucleotide no no '(DC)(DG)(DA)(DC)(DG)'     CGACG  A ? 
2 polydeoxyribonucleotide no no '(DC)(DG)(DT)(DG)(DG)(DA)' CGTGGA C ? 
3 polydeoxyribonucleotide no no '(DT)(DC)(DC)(DG)(DC)'     TCCGC  B ? 
# 
loop_
_entity_poly_seq.entity_id 
_entity_poly_seq.num 
_entity_poly_seq.mon_id 
_entity_poly_seq.hetero 
1 1 DC n 
1 2 DG n 
1 3 DA n 
1 4 DC n 
1 5 DG n 
2 1 DC n 
2 2 DG n 
2 3 DT n 
2 4 DG n 
2 5 DG n 
2 6 DA n 
3 1 DT n 
3 2 DC n 
3 3 DC n 
3 4 DG n 
3 5 DC n 
# 
loop_
_pdbx_entity_src_syn.entity_id 
_pdbx_entity_src_syn.pdbx_src_id 
_pdbx_entity_src_syn.pdbx_alt_source_flag 
_pdbx_entity_src_syn.pdbx_beg_seq_num 
_pdbx_entity_src_syn.pdbx_end_seq_num 
_pdbx_entity_src_syn.organism_scientific 
_pdbx_entity_src_syn.organism_common_name 
_pdbx_entity_src_syn.ncbi_taxonomy_id 
_pdbx_entity_src_syn.details 
1 1 sample 1 5 'synthetic construct' ? 32630 ? 
2 1 sample 1 6 'synthetic construct' ? 32630 ? 
3 1 sample 1 5 'synthetic construct' ? 32630 ? 
# 
loop_
_chem_comp.id 
_chem_comp.type 
_chem_comp.mon_nstd_flag 
_chem_comp.name 
_chem_comp.pdbx_synonyms 
_chem_comp.formula 
_chem_comp.formula_weight 
DA 'DNA linking' y "2'-DEOXYADENOSINE-5'-MONOPHOSPHATE" ? 'C10 H14 N5 O6 P' 331.222 
DC 'DNA linking' y "2'-DEOXYCYTIDINE-5'-MONOPHOSPHATE"  ? 'C9 H14 N3 O7 P'  307.197 
DG 'DNA linking' y "2'-DEOXYGUANOSINE-5'-MONOPHOSPHATE" ? 'C10 H14 N5 O7 P' 347.221 
DT 'DNA linking' y "THYMIDINE-5'-MONOPHOSPHATE"         ? 'C10 H15 N2 O8 P' 322.208 
# 
loop_
_pdbx_poly_seq_scheme.asym_id 
_pdbx_poly_seq_scheme.entity_id 
_pdbx_poly_seq_scheme.seq_id 
_pdbx_poly_seq_scheme.mon_id 
_pdbx_poly_seq_scheme.ndb_seq_num 
_pdbx_poly_seq_scheme.pdb_seq_num 
_pdbx_poly_seq_scheme.auth_seq_num 
_pdbx_poly_seq_scheme.pdb_mon_id 
_pdbx_poly_seq_scheme.auth_mon_id 
_pdbx_poly_seq_scheme.pdb_strand_id 
_pdbx_poly_seq_scheme.pdb_ins_code 
_pdbx_poly_seq_scheme.hetero 
A 1 1 DC 1 1 1 DC DC A . n 
A 1 2 DG 2 2 2 DG DG A . n 
A 1 3 DA 3 3 3 DA DA A . n 
A 1 4 DC 4 4 4 DC DC A . n 
A 1 5 DG 5 5 5 DG DG A . n 
B 2 1 DC 1 1 1 DC DC C . n 
B 2 2 DG 2 2 2 DG DG C . n 
B 2 3 DT 3 3 3 DT DT C . n 
B 2 4 DG 4 4 4 DG DG C . n 
B 2 5 DG 5 5 5 DG DG C . n 
B 2 6 DA 6 6 6 DA DA C . n 
C 3 1 DT 1 1 1 DT DT B . n 
C 3 2 DC 2 2 2 DC DC B . n 
C 3 3 DC 3 3 3 DC DC B . n 
C 3 4 DG 4 4 4 DG DG B . n 
C 3 5 DC 5 5 5 DC DC B . n 
# 
loop_
_software.citation_id 
_software.classification 
_software.compiler_name 
_software.compiler_version 
_software.contact_author 
_software.contact_author_email 
_software.date 
_software.description 
_software.dependencies 
_software.hardware 
_software.language 
_software.location 
_software.mods 
_software.name 
_software.os 
_software.os_version 
_software.type 
_software.version 
_software.pdbx_ordinal 
? refinement       ? ? ? ? ? ? ? ? ? ? ? PHENIX    ? ? ? 1.20.1_4487 1 
? 'data reduction' ? ? ? ? ? ? ? ? ? ? ? autoPROC  ? ? ? .           2 
? 'data scaling'   ? ? ? ? ? ? ? ? ? ? ? STARANISO ? ? ? .           3 
? phasing          ? ? ? ? ? ? ? ? ? ? ? PHASER    ? ? ? .           4 
# 
_cell.angle_alpha                  90.000 
_cell.angle_alpha_esd              ? 
_cell.angle_beta                   90.000 
_cell.angle_beta_esd               ? 
_cell.angle_gamma                  90.000 
_cell.angle_gamma_esd              ? 
_cell.entry_id                     8EP8 
_cell.details                      ? 
_cell.formula_units_Z              ? 
_cell.length_a                     32.998 
_cell.length_a_esd                 ? 
_cell.length_b                     32.998 
_cell.length_b_esd                 ? 
_cell.length_c                     104.334 
_cell.length_c_esd                 ? 
_cell.volume                       113605.954 
_cell.volume_esd                   ? 
_cell.Z_PDB                        8 
_cell.reciprocal_angle_alpha       ? 
_cell.reciprocal_angle_beta        ? 
_cell.reciprocal_angle_gamma       ? 
_cell.reciprocal_angle_alpha_esd   ? 
_cell.reciprocal_angle_beta_esd    ? 
_cell.reciprocal_angle_gamma_esd   ? 
_cell.reciprocal_length_a          ? 
_cell.reciprocal_length_b          ? 
_cell.reciprocal_length_c          ? 
_cell.reciprocal_length_a_esd      ? 
_cell.reciprocal_length_b_esd      ? 
_cell.reciprocal_length_c_esd      ? 
_cell.pdbx_unique_axis             ? 
_cell.pdbx_esd_method              ? 
# 
_symmetry.entry_id                         8EP8 
_symmetry.cell_setting                     ? 
_symmetry.Int_Tables_number                95 
_symmetry.space_group_name_Hall            'P 4cw 2c' 
_symmetry.space_group_name_H-M             'P 43 2 2' 
_symmetry.pdbx_full_space_group_name_H-M   ? 
# 
_exptl.absorpt_coefficient_mu     ? 
_exptl.absorpt_correction_T_max   ? 
_exptl.absorpt_correction_T_min   ? 
_exptl.absorpt_correction_type    ? 
_exptl.absorpt_process_details    ? 
_exptl.entry_id                   8EP8 
_exptl.crystals_number            1 
_exptl.details                    ? 
_exptl.method                     'X-RAY DIFFRACTION' 
_exptl.method_details             ? 
# 
_exptl_crystal.colour                       ? 
_exptl_crystal.density_diffrn               ? 
_exptl_crystal.density_Matthews             2.90 
_exptl_crystal.density_method               ? 
_exptl_crystal.density_percent_sol          57.61 
_exptl_crystal.description                  ? 
_exptl_crystal.F_000                        ? 
_exptl_crystal.id                           1 
_exptl_crystal.preparation                  ? 
_exptl_crystal.size_max                     ? 
_exptl_crystal.size_mid                     ? 
_exptl_crystal.size_min                     ? 
_exptl_crystal.size_rad                     ? 
_exptl_crystal.colour_lustre                ? 
_exptl_crystal.colour_modifier              ? 
_exptl_crystal.colour_primary               ? 
_exptl_crystal.density_meas                 ? 
_exptl_crystal.density_meas_esd             ? 
_exptl_crystal.density_meas_gt              ? 
_exptl_crystal.density_meas_lt              ? 
_exptl_crystal.density_meas_temp            ? 
_exptl_crystal.density_meas_temp_esd        ? 
_exptl_crystal.density_meas_temp_gt         ? 
_exptl_crystal.density_meas_temp_lt         ? 
_exptl_crystal.pdbx_crystal_image_url       ? 
_exptl_crystal.pdbx_crystal_image_format    ? 
_exptl_crystal.pdbx_mosaicity               ? 
_exptl_crystal.pdbx_mosaicity_esd           ? 
_exptl_crystal.pdbx_mosaic_method           ? 
_exptl_crystal.pdbx_mosaic_block_size       ? 
_exptl_crystal.pdbx_mosaic_block_size_esd   ? 
# 
_exptl_crystal_grow.apparatus       ? 
_exptl_crystal_grow.atmosphere      ? 
_exptl_crystal_grow.crystal_id      1 
_exptl_crystal_grow.details         ? 
_exptl_crystal_grow.method          'VAPOR DIFFUSION, HANGING DROP' 
_exptl_crystal_grow.method_ref      ? 
_exptl_crystal_grow.pH              ? 
_exptl_crystal_grow.pressure        ? 
_exptl_crystal_grow.pressure_esd    ? 
_exptl_crystal_grow.seeding         ? 
_exptl_crystal_grow.seeding_ref     ? 
_exptl_crystal_grow.temp_details    ? 
_exptl_crystal_grow.temp_esd        ? 
_exptl_crystal_grow.time            ? 
_exptl_crystal_grow.pdbx_details    
;0.5 ug/uL motif
0.005 M magnesium sulfate hydrate, 0.005 M HEPES sodium pH 7.0, 0.16 M lithium sulfate monohydrate, 4 % MPD at pH 7.0
;
_exptl_crystal_grow.pdbx_pH_range   ? 
_exptl_crystal_grow.temp            295 
# 
_diffrn.ambient_environment              ? 
_diffrn.ambient_temp                     100 
_diffrn.ambient_temp_details             ? 
_diffrn.ambient_temp_esd                 ? 
_diffrn.crystal_id                       1 
_diffrn.crystal_support                  ? 
_diffrn.crystal_treatment                ? 
_diffrn.details                          ? 
_diffrn.id                               1 
_diffrn.ambient_pressure                 ? 
_diffrn.ambient_pressure_esd             ? 
_diffrn.ambient_pressure_gt              ? 
_diffrn.ambient_pressure_lt              ? 
_diffrn.ambient_temp_gt                  ? 
_diffrn.ambient_temp_lt                  ? 
_diffrn.pdbx_serial_crystal_experiment   N 
# 
_diffrn_detector.details                      ? 
_diffrn_detector.detector                     'IMAGE PLATE' 
_diffrn_detector.diffrn_id                    1 
_diffrn_detector.type                         'RIGAKU RAXIS IV++' 
_diffrn_detector.area_resol_mean              ? 
_diffrn_detector.dtime                        ? 
_diffrn_detector.pdbx_frames_total            ? 
_diffrn_detector.pdbx_collection_time_total   ? 
_diffrn_detector.pdbx_collection_date         2022-05-05 
_diffrn_detector.pdbx_frequency               ? 
# 
_diffrn_radiation.collimation                      ? 
_diffrn_radiation.diffrn_id                        1 
_diffrn_radiation.filter_edge                      ? 
_diffrn_radiation.inhomogeneity                    ? 
_diffrn_radiation.monochromator                    ? 
_diffrn_radiation.polarisn_norm                    ? 
_diffrn_radiation.polarisn_ratio                   ? 
_diffrn_radiation.probe                            ? 
_diffrn_radiation.type                             ? 
_diffrn_radiation.xray_symbol                      ? 
_diffrn_radiation.wavelength_id                    1 
_diffrn_radiation.pdbx_monochromatic_or_laue_m_l   M 
_diffrn_radiation.pdbx_wavelength_list             ? 
_diffrn_radiation.pdbx_wavelength                  ? 
_diffrn_radiation.pdbx_diffrn_protocol             'SINGLE WAVELENGTH' 
_diffrn_radiation.pdbx_analyzer                    ? 
_diffrn_radiation.pdbx_scattering_type             x-ray 
# 
_diffrn_radiation_wavelength.id           1 
_diffrn_radiation_wavelength.wavelength   1.54 
_diffrn_radiation_wavelength.wt           1.0 
# 
_diffrn_source.current                     ? 
_diffrn_source.details                     ? 
_diffrn_source.diffrn_id                   1 
_diffrn_source.power                       ? 
_diffrn_source.size                        ? 
_diffrn_source.source                      'ROTATING ANODE' 
_diffrn_source.target                      ? 
_diffrn_source.type                        'RIGAKU RUH2R' 
_diffrn_source.voltage                     ? 
_diffrn_source.take-off_angle              ? 
_diffrn_source.pdbx_wavelength_list        1.54 
_diffrn_source.pdbx_wavelength             ? 
_diffrn_source.pdbx_synchrotron_beamline   ? 
_diffrn_source.pdbx_synchrotron_site       ? 
# 
_reflns.B_iso_Wilson_estimate                          ? 
_reflns.entry_id                                       8EP8 
_reflns.data_reduction_details                         ? 
_reflns.data_reduction_method                          ? 
_reflns.d_resolution_high                              2.45 
_reflns.d_resolution_low                               33.00 
_reflns.details                                        ? 
_reflns.limit_h_max                                    ? 
_reflns.limit_h_min                                    ? 
_reflns.limit_k_max                                    ? 
_reflns.limit_k_min                                    ? 
_reflns.limit_l_max                                    ? 
_reflns.limit_l_min                                    ? 
_reflns.number_all                                     ? 
_reflns.number_obs                                     1206 
_reflns.observed_criterion                             ? 
_reflns.observed_criterion_F_max                       ? 
_reflns.observed_criterion_F_min                       ? 
_reflns.observed_criterion_I_max                       ? 
_reflns.observed_criterion_I_min                       ? 
_reflns.observed_criterion_sigma_F                     ? 
_reflns.observed_criterion_sigma_I                     ? 
_reflns.percent_possible_obs                           85.7 
_reflns.R_free_details                                 ? 
_reflns.Rmerge_F_all                                   ? 
_reflns.Rmerge_F_obs                                   ? 
_reflns.Friedel_coverage                               ? 
_reflns.number_gt                                      ? 
_reflns.threshold_expression                           ? 
_reflns.pdbx_redundancy                                11.4 
_reflns.pdbx_netI_over_av_sigmaI                       ? 
_reflns.pdbx_netI_over_sigmaI                          11.8 
_reflns.pdbx_res_netI_over_av_sigmaI_2                 ? 
_reflns.pdbx_res_netI_over_sigmaI_2                    ? 
_reflns.pdbx_chi_squared                               ? 
_reflns.pdbx_scaling_rejects                           ? 
_reflns.pdbx_d_res_high_opt                            ? 
_reflns.pdbx_d_res_low_opt                             ? 
_reflns.pdbx_d_res_opt_method                          ? 
_reflns.phase_calculation_details                      ? 
_reflns.pdbx_Rrim_I_all                                ? 
_reflns.pdbx_Rpim_I_all                                ? 
_reflns.pdbx_d_opt                                     ? 
_reflns.pdbx_number_measured_all                       ? 
_reflns.pdbx_diffrn_id                                 1 
_reflns.pdbx_ordinal                                   1 
_reflns.pdbx_CC_half                                   1.00 
_reflns.pdbx_CC_star                                   ? 
_reflns.pdbx_R_split                                   ? 
_reflns.pdbx_Rmerge_I_obs                              ? 
_reflns.pdbx_Rmerge_I_all                              ? 
_reflns.pdbx_Rsym_value                                ? 
_reflns.pdbx_CC_split_method                           ? 
_reflns.pdbx_aniso_diffraction_limit_axis_1_ortho[1]   ? 
_reflns.pdbx_aniso_diffraction_limit_axis_1_ortho[2]   ? 
_reflns.pdbx_aniso_diffraction_limit_axis_1_ortho[3]   ? 
_reflns.pdbx_aniso_diffraction_limit_axis_2_ortho[1]   ? 
_reflns.pdbx_aniso_diffraction_limit_axis_2_ortho[2]   ? 
_reflns.pdbx_aniso_diffraction_limit_axis_2_ortho[3]   ? 
_reflns.pdbx_aniso_diffraction_limit_axis_3_ortho[1]   ? 
_reflns.pdbx_aniso_diffraction_limit_axis_3_ortho[2]   ? 
_reflns.pdbx_aniso_diffraction_limit_axis_3_ortho[3]   ? 
_reflns.pdbx_aniso_diffraction_limit_1                 ? 
_reflns.pdbx_aniso_diffraction_limit_2                 ? 
_reflns.pdbx_aniso_diffraction_limit_3                 ? 
_reflns.pdbx_aniso_B_tensor_eigenvector_1_ortho[1]     ? 
_reflns.pdbx_aniso_B_tensor_eigenvector_1_ortho[2]     ? 
_reflns.pdbx_aniso_B_tensor_eigenvector_1_ortho[3]     ? 
_reflns.pdbx_aniso_B_tensor_eigenvector_2_ortho[1]     ? 
_reflns.pdbx_aniso_B_tensor_eigenvector_2_ortho[2]     ? 
_reflns.pdbx_aniso_B_tensor_eigenvector_2_ortho[3]     ? 
_reflns.pdbx_aniso_B_tensor_eigenvector_3_ortho[1]     ? 
_reflns.pdbx_aniso_B_tensor_eigenvector_3_ortho[2]     ? 
_reflns.pdbx_aniso_B_tensor_eigenvector_3_ortho[3]     ? 
_reflns.pdbx_aniso_B_tensor_eigenvalue_1               ? 
_reflns.pdbx_aniso_B_tensor_eigenvalue_2               ? 
_reflns.pdbx_aniso_B_tensor_eigenvalue_3               ? 
_reflns.pdbx_orthogonalization_convention              ? 
_reflns.pdbx_percent_possible_ellipsoidal              ? 
_reflns.pdbx_percent_possible_spherical                ? 
_reflns.pdbx_percent_possible_ellipsoidal_anomalous    ? 
_reflns.pdbx_percent_possible_spherical_anomalous      ? 
_reflns.pdbx_redundancy_anomalous                      ? 
_reflns.pdbx_CC_half_anomalous                         ? 
_reflns.pdbx_absDiff_over_sigma_anomalous              ? 
_reflns.pdbx_percent_possible_anomalous                ? 
_reflns.pdbx_observed_signal_threshold                 ? 
_reflns.pdbx_signal_type                               ? 
_reflns.pdbx_signal_details                            ? 
_reflns.pdbx_signal_software_id                        ? 
# 
_reflns_shell.d_res_high                                    2.450 
_reflns_shell.d_res_low                                     3.062 
_reflns_shell.meanI_over_sigI_all                           ? 
_reflns_shell.meanI_over_sigI_obs                           ? 
_reflns_shell.number_measured_all                           ? 
_reflns_shell.number_measured_obs                           ? 
_reflns_shell.number_possible                               ? 
_reflns_shell.number_unique_all                             ? 
_reflns_shell.number_unique_obs                             202 
_reflns_shell.percent_possible_obs                          ? 
_reflns_shell.Rmerge_F_all                                  ? 
_reflns_shell.Rmerge_F_obs                                  ? 
_reflns_shell.meanI_over_sigI_gt                            ? 
_reflns_shell.meanI_over_uI_all                             ? 
_reflns_shell.meanI_over_uI_gt                              ? 
_reflns_shell.number_measured_gt                            ? 
_reflns_shell.number_unique_gt                              ? 
_reflns_shell.percent_possible_gt                           ? 
_reflns_shell.Rmerge_F_gt                                   ? 
_reflns_shell.Rmerge_I_gt                                   ? 
_reflns_shell.pdbx_redundancy                               9.1 
_reflns_shell.pdbx_chi_squared                              ? 
_reflns_shell.pdbx_netI_over_sigmaI_all                     ? 
_reflns_shell.pdbx_netI_over_sigmaI_obs                     ? 
_reflns_shell.pdbx_Rrim_I_all                               ? 
_reflns_shell.pdbx_Rpim_I_all                               ? 
_reflns_shell.pdbx_rejects                                  ? 
_reflns_shell.pdbx_ordinal                                  1 
_reflns_shell.pdbx_diffrn_id                                1 
_reflns_shell.pdbx_CC_half                                  0.388 
_reflns_shell.pdbx_CC_star                                  ? 
_reflns_shell.pdbx_R_split                                  ? 
_reflns_shell.percent_possible_all                          ? 
_reflns_shell.Rmerge_I_all                                  ? 
_reflns_shell.Rmerge_I_obs                                  ? 
_reflns_shell.pdbx_Rsym_value                               ? 
_reflns_shell.pdbx_percent_possible_ellipsoidal             ? 
_reflns_shell.pdbx_percent_possible_spherical               ? 
_reflns_shell.pdbx_percent_possible_ellipsoidal_anomalous   ? 
_reflns_shell.pdbx_percent_possible_spherical_anomalous     ? 
_reflns_shell.pdbx_redundancy_anomalous                     ? 
_reflns_shell.pdbx_CC_half_anomalous                        ? 
_reflns_shell.pdbx_absDiff_over_sigma_anomalous             ? 
_reflns_shell.pdbx_percent_possible_anomalous               ? 
# 
_refine.aniso_B[1][1]                            ? 
_refine.aniso_B[1][2]                            ? 
_refine.aniso_B[1][3]                            ? 
_refine.aniso_B[2][2]                            ? 
_refine.aniso_B[2][3]                            ? 
_refine.aniso_B[3][3]                            ? 
_refine.B_iso_max                                ? 
_refine.B_iso_mean                               36.59 
_refine.B_iso_min                                ? 
_refine.correlation_coeff_Fo_to_Fc               ? 
_refine.correlation_coeff_Fo_to_Fc_free          ? 
_refine.details                                  ? 
_refine.diff_density_max                         ? 
_refine.diff_density_max_esd                     ? 
_refine.diff_density_min                         ? 
_refine.diff_density_min_esd                     ? 
_refine.diff_density_rms                         ? 
_refine.diff_density_rms_esd                     ? 
_refine.entry_id                                 8EP8 
_refine.pdbx_refine_id                           'X-RAY DIFFRACTION' 
_refine.ls_abs_structure_details                 ? 
_refine.ls_abs_structure_Flack                   ? 
_refine.ls_abs_structure_Flack_esd               ? 
_refine.ls_abs_structure_Rogers                  ? 
_refine.ls_abs_structure_Rogers_esd              ? 
_refine.ls_d_res_high                            2.45 
_refine.ls_d_res_low                             33.00 
_refine.ls_extinction_coef                       ? 
_refine.ls_extinction_coef_esd                   ? 
_refine.ls_extinction_expression                 ? 
_refine.ls_extinction_method                     ? 
_refine.ls_goodness_of_fit_all                   ? 
_refine.ls_goodness_of_fit_all_esd               ? 
_refine.ls_goodness_of_fit_obs                   ? 
_refine.ls_goodness_of_fit_obs_esd               ? 
_refine.ls_hydrogen_treatment                    ? 
_refine.ls_matrix_type                           ? 
_refine.ls_number_constraints                    ? 
_refine.ls_number_parameters                     ? 
_refine.ls_number_reflns_all                     ? 
_refine.ls_number_reflns_obs                     1200 
_refine.ls_number_reflns_R_free                  53 
_refine.ls_number_reflns_R_work                  1147 
_refine.ls_number_restraints                     ? 
_refine.ls_percent_reflns_obs                    49.18 
_refine.ls_percent_reflns_R_free                 4.42 
_refine.ls_R_factor_all                          ? 
_refine.ls_R_factor_obs                          0.2507 
_refine.ls_R_factor_R_free                       0.2569 
_refine.ls_R_factor_R_free_error                 ? 
_refine.ls_R_factor_R_free_error_details         ? 
_refine.ls_R_factor_R_work                       0.2504 
_refine.ls_R_Fsqd_factor_obs                     ? 
_refine.ls_R_I_factor_obs                        ? 
_refine.ls_redundancy_reflns_all                 ? 
_refine.ls_redundancy_reflns_obs                 ? 
_refine.ls_restrained_S_all                      ? 
_refine.ls_restrained_S_obs                      ? 
_refine.ls_shift_over_esd_max                    ? 
_refine.ls_shift_over_esd_mean                   ? 
_refine.ls_structure_factor_coef                 ? 
_refine.ls_weighting_details                     ? 
_refine.ls_weighting_scheme                      ? 
_refine.ls_wR_factor_all                         ? 
_refine.ls_wR_factor_obs                         ? 
_refine.ls_wR_factor_R_free                      ? 
_refine.ls_wR_factor_R_work                      ? 
_refine.occupancy_max                            ? 
_refine.occupancy_min                            ? 
_refine.solvent_model_details                    'FLAT BULK SOLVENT MODEL' 
_refine.solvent_model_param_bsol                 ? 
_refine.solvent_model_param_ksol                 ? 
_refine.pdbx_R_complete                          ? 
_refine.ls_R_factor_gt                           ? 
_refine.ls_goodness_of_fit_gt                    ? 
_refine.ls_goodness_of_fit_ref                   ? 
_refine.ls_shift_over_su_max                     ? 
_refine.ls_shift_over_su_max_lt                  ? 
_refine.ls_shift_over_su_mean                    ? 
_refine.ls_shift_over_su_mean_lt                 ? 
_refine.pdbx_ls_sigma_I                          ? 
_refine.pdbx_ls_sigma_F                          1.34 
_refine.pdbx_ls_sigma_Fsqd                       ? 
_refine.pdbx_data_cutoff_high_absF               ? 
_refine.pdbx_data_cutoff_high_rms_absF           ? 
_refine.pdbx_data_cutoff_low_absF                ? 
_refine.pdbx_isotropic_thermal_model             ? 
_refine.pdbx_ls_cross_valid_method               'FREE R-VALUE' 
_refine.pdbx_method_to_determine_struct          'MOLECULAR REPLACEMENT' 
_refine.pdbx_starting_model                      ? 
_refine.pdbx_stereochemistry_target_values       'GeoStd + Monomer Library + CDL v1.2' 
_refine.pdbx_R_Free_selection_details            ? 
_refine.pdbx_stereochem_target_val_spec_case     ? 
_refine.pdbx_overall_ESU_R                       ? 
_refine.pdbx_overall_ESU_R_Free                  ? 
_refine.pdbx_solvent_vdw_probe_radii             1.1000 
_refine.pdbx_solvent_ion_probe_radii             ? 
_refine.pdbx_solvent_shrinkage_radii             0.9000 
_refine.pdbx_real_space_R                        ? 
_refine.pdbx_density_correlation                 ? 
_refine.pdbx_pd_number_of_powder_patterns        ? 
_refine.pdbx_pd_number_of_points                 ? 
_refine.pdbx_pd_meas_number_of_points            ? 
_refine.pdbx_pd_proc_ls_prof_R_factor            ? 
_refine.pdbx_pd_proc_ls_prof_wR_factor           ? 
_refine.pdbx_pd_Marquardt_correlation_coeff      ? 
_refine.pdbx_pd_Fsqrd_R_factor                   ? 
_refine.pdbx_pd_ls_matrix_band_width             ? 
_refine.pdbx_overall_phase_error                 23.0466 
_refine.pdbx_overall_SU_R_free_Cruickshank_DPI   ? 
_refine.pdbx_overall_SU_R_free_Blow_DPI          ? 
_refine.pdbx_overall_SU_R_Blow_DPI               ? 
_refine.pdbx_TLS_residual_ADP_flag               ? 
_refine.pdbx_diffrn_id                           1 
_refine.overall_SU_B                             ? 
_refine.overall_SU_ML                            0.2958 
_refine.overall_SU_R_Cruickshank_DPI             ? 
_refine.overall_SU_R_free                        ? 
_refine.overall_FOM_free_R_set                   ? 
_refine.overall_FOM_work_R_set                   ? 
_refine.pdbx_average_fsc_overall                 ? 
_refine.pdbx_average_fsc_work                    ? 
_refine.pdbx_average_fsc_free                    ? 
# 
_refine_hist.pdbx_refine_id                   'X-RAY DIFFRACTION' 
_refine_hist.cycle_id                         LAST 
_refine_hist.details                          ? 
_refine_hist.d_res_high                       2.45 
_refine_hist.d_res_low                        33.00 
_refine_hist.number_atoms_solvent             0 
_refine_hist.number_atoms_total               325 
_refine_hist.number_reflns_all                ? 
_refine_hist.number_reflns_obs                ? 
_refine_hist.number_reflns_R_free             ? 
_refine_hist.number_reflns_R_work             ? 
_refine_hist.R_factor_all                     ? 
_refine_hist.R_factor_obs                     ? 
_refine_hist.R_factor_R_free                  ? 
_refine_hist.R_factor_R_work                  ? 
_refine_hist.pdbx_number_residues_total       ? 
_refine_hist.pdbx_B_iso_mean_ligand           ? 
_refine_hist.pdbx_B_iso_mean_solvent          ? 
_refine_hist.pdbx_number_atoms_protein        0 
_refine_hist.pdbx_number_atoms_nucleic_acid   325 
_refine_hist.pdbx_number_atoms_ligand         0 
_refine_hist.pdbx_number_atoms_lipid          ? 
_refine_hist.pdbx_number_atoms_carb           ? 
_refine_hist.pdbx_pseudo_atom_details         ? 
# 
loop_
_refine_ls_restr.pdbx_refine_id 
_refine_ls_restr.criterion 
_refine_ls_restr.dev_ideal 
_refine_ls_restr.dev_ideal_target 
_refine_ls_restr.number 
_refine_ls_restr.rejects 
_refine_ls_restr.type 
_refine_ls_restr.weight 
_refine_ls_restr.pdbx_restraint_function 
'X-RAY DIFFRACTION' ? 0.0085  ? 362 ? f_bond_d           ? ? 
'X-RAY DIFFRACTION' ? 0.9647  ? 552 ? f_angle_d          ? ? 
'X-RAY DIFFRACTION' ? 0.0511  ? 63  ? f_chiral_restr     ? ? 
'X-RAY DIFFRACTION' ? 0.0042  ? 16  ? f_plane_restr      ? ? 
'X-RAY DIFFRACTION' ? 36.1162 ? 150 ? f_dihedral_angle_d ? ? 
# 
_refine_ls_shell.pdbx_refine_id                   'X-RAY DIFFRACTION' 
_refine_ls_shell.d_res_high                       2.45 
_refine_ls_shell.d_res_low                        33.00 
_refine_ls_shell.number_reflns_all                ? 
_refine_ls_shell.number_reflns_obs                ? 
_refine_ls_shell.number_reflns_R_free             53 
_refine_ls_shell.number_reflns_R_work             1147 
_refine_ls_shell.percent_reflns_obs               49.18 
_refine_ls_shell.percent_reflns_R_free            ? 
_refine_ls_shell.R_factor_all                     ? 
_refine_ls_shell.R_factor_obs                     ? 
_refine_ls_shell.R_factor_R_free_error            ? 
_refine_ls_shell.R_factor_R_work                  0.2504 
_refine_ls_shell.redundancy_reflns_all            ? 
_refine_ls_shell.redundancy_reflns_obs            ? 
_refine_ls_shell.wR_factor_all                    ? 
_refine_ls_shell.wR_factor_obs                    ? 
_refine_ls_shell.wR_factor_R_free                 ? 
_refine_ls_shell.wR_factor_R_work                 ? 
_refine_ls_shell.pdbx_R_complete                  ? 
_refine_ls_shell.pdbx_total_number_of_bins_used   ? 
_refine_ls_shell.pdbx_phase_error                 ? 
_refine_ls_shell.pdbx_fsc_work                    ? 
_refine_ls_shell.pdbx_fsc_free                    ? 
_refine_ls_shell.R_factor_R_free                  0.2569 
# 
_struct.entry_id                     8EP8 
_struct.title                        'Engineering Crystals with Tunable Symmetries from 14- or 16-Base-Long DNA Strands' 
_struct.pdbx_model_details           ? 
_struct.pdbx_formula_weight          ? 
_struct.pdbx_formula_weight_method   ? 
_struct.pdbx_model_type_details      ? 
_struct.pdbx_CASP_flag               N 
# 
_struct_keywords.entry_id        8EP8 
_struct_keywords.text            'DNA, Four-Fold Rotational Axis, Left-Handed, Parallel' 
_struct_keywords.pdbx_keywords   DNA 
# 
loop_
_struct_asym.id 
_struct_asym.pdbx_blank_PDB_chainid_flag 
_struct_asym.pdbx_modified 
_struct_asym.entity_id 
_struct_asym.details 
A N N 1 ? 
B N N 2 ? 
C N N 3 ? 
# 
loop_
_struct_ref.id 
_struct_ref.db_name 
_struct_ref.db_code 
_struct_ref.pdbx_db_accession 
_struct_ref.pdbx_db_isoform 
_struct_ref.entity_id 
_struct_ref.pdbx_seq_one_letter_code 
_struct_ref.pdbx_align_begin 
1 PDB 8EP8 8EP8 ? 1 ? 1 
2 PDB 8EP8 8EP8 ? 2 ? 1 
3 PDB 8EP8 8EP8 ? 3 ? 1 
# 
loop_
_struct_ref_seq.align_id 
_struct_ref_seq.ref_id 
_struct_ref_seq.pdbx_PDB_id_code 
_struct_ref_seq.pdbx_strand_id 
_struct_ref_seq.seq_align_beg 
_struct_ref_seq.pdbx_seq_align_beg_ins_code 
_struct_ref_seq.seq_align_end 
_struct_ref_seq.pdbx_seq_align_end_ins_code 
_struct_ref_seq.pdbx_db_accession 
_struct_ref_seq.db_align_beg 
_struct_ref_seq.pdbx_db_align_beg_ins_code 
_struct_ref_seq.db_align_end 
_struct_ref_seq.pdbx_db_align_end_ins_code 
_struct_ref_seq.pdbx_auth_seq_align_beg 
_struct_ref_seq.pdbx_auth_seq_align_end 
1 1 8EP8 A 1 ? 5 ? 8EP8 1 ? 5 ? 1 5 
2 2 8EP8 C 1 ? 6 ? 8EP8 1 ? 6 ? 1 6 
3 3 8EP8 B 1 ? 5 ? 8EP8 1 ? 5 ? 1 5 
# 
_pdbx_struct_assembly.id                   1 
_pdbx_struct_assembly.details              author_defined_assembly 
_pdbx_struct_assembly.method_details       ? 
_pdbx_struct_assembly.oligomeric_details   trimeric 
_pdbx_struct_assembly.oligomeric_count     3 
# 
_pdbx_struct_assembly_gen.assembly_id       1 
_pdbx_struct_assembly_gen.oper_expression   1 
_pdbx_struct_assembly_gen.asym_id_list      A,B,C 
# 
_pdbx_struct_oper_list.id                   1 
_pdbx_struct_oper_list.type                 'identity operation' 
_pdbx_struct_oper_list.name                 1_555 
_pdbx_struct_oper_list.symmetry_operation   x,y,z 
_pdbx_struct_oper_list.matrix[1][1]         1.0000000000 
_pdbx_struct_oper_list.matrix[1][2]         0.0000000000 
_pdbx_struct_oper_list.matrix[1][3]         0.0000000000 
_pdbx_struct_oper_list.vector[1]            0.0000000000 
_pdbx_struct_oper_list.matrix[2][1]         0.0000000000 
_pdbx_struct_oper_list.matrix[2][2]         1.0000000000 
_pdbx_struct_oper_list.matrix[2][3]         0.0000000000 
_pdbx_struct_oper_list.vector[2]            0.0000000000 
_pdbx_struct_oper_list.matrix[3][1]         0.0000000000 
_pdbx_struct_oper_list.matrix[3][2]         0.0000000000 
_pdbx_struct_oper_list.matrix[3][3]         1.0000000000 
_pdbx_struct_oper_list.vector[3]            0.0000000000 
# 
loop_
_struct_conn.id 
_struct_conn.conn_type_id 
_struct_conn.pdbx_leaving_atom_flag 
_struct_conn.pdbx_PDB_id 
_struct_conn.ptnr1_label_asym_id 
_struct_conn.ptnr1_label_comp_id 
_struct_conn.ptnr1_label_seq_id 
_struct_conn.ptnr1_label_atom_id 
_struct_conn.pdbx_ptnr1_label_alt_id 
_struct_conn.pdbx_ptnr1_PDB_ins_code 
_struct_conn.pdbx_ptnr1_standard_comp_id 
_struct_conn.ptnr1_symmetry 
_struct_conn.ptnr2_label_asym_id 
_struct_conn.ptnr2_label_comp_id 
_struct_conn.ptnr2_label_seq_id 
_struct_conn.ptnr2_label_atom_id 
_struct_conn.pdbx_ptnr2_label_alt_id 
_struct_conn.pdbx_ptnr2_PDB_ins_code 
_struct_conn.ptnr1_auth_asym_id 
_struct_conn.ptnr1_auth_comp_id 
_struct_conn.ptnr1_auth_seq_id 
_struct_conn.ptnr2_auth_asym_id 
_struct_conn.ptnr2_auth_comp_id 
_struct_conn.ptnr2_auth_seq_id 
_struct_conn.ptnr2_symmetry 
_struct_conn.pdbx_ptnr3_label_atom_id 
_struct_conn.pdbx_ptnr3_label_seq_id 
_struct_conn.pdbx_ptnr3_label_comp_id 
_struct_conn.pdbx_ptnr3_label_asym_id 
_struct_conn.pdbx_ptnr3_label_alt_id 
_struct_conn.pdbx_ptnr3_PDB_ins_code 
_struct_conn.details 
_struct_conn.pdbx_dist_value 
_struct_conn.pdbx_value_order 
_struct_conn.pdbx_role 
hydrog1  hydrog ? ? A DA 3 N1 ? ? ? 1_555 B DT 3 N3 ? ? A DA 3 C DT 3 1_555 ? ? ? ? ? ? WATSON-CRICK ? ? ? 
hydrog2  hydrog ? ? A DA 3 N6 ? ? ? 1_555 B DT 3 O4 ? ? A DA 3 C DT 3 1_555 ? ? ? ? ? ? WATSON-CRICK ? ? ? 
hydrog3  hydrog ? ? A DC 4 N3 ? ? ? 1_555 B DG 2 N1 ? ? A DC 4 C DG 2 1_555 ? ? ? ? ? ? WATSON-CRICK ? ? ? 
hydrog4  hydrog ? ? A DC 4 N4 ? ? ? 1_555 B DG 2 O6 ? ? A DC 4 C DG 2 1_555 ? ? ? ? ? ? WATSON-CRICK ? ? ? 
hydrog5  hydrog ? ? A DC 4 O2 ? ? ? 1_555 B DG 2 N2 ? ? A DC 4 C DG 2 1_555 ? ? ? ? ? ? WATSON-CRICK ? ? ? 
hydrog6  hydrog ? ? A DG 5 N1 ? ? ? 1_555 B DC 1 N3 ? ? A DG 5 C DC 1 1_555 ? ? ? ? ? ? WATSON-CRICK ? ? ? 
hydrog7  hydrog ? ? A DG 5 N2 ? ? ? 1_555 B DC 1 O2 ? ? A DG 5 C DC 1 1_555 ? ? ? ? ? ? WATSON-CRICK ? ? ? 
hydrog8  hydrog ? ? A DG 5 O6 ? ? ? 1_555 B DC 1 N4 ? ? A DG 5 C DC 1 1_555 ? ? ? ? ? ? WATSON-CRICK ? ? ? 
hydrog9  hydrog ? ? B DG 4 N1 ? ? ? 1_555 C DC 3 N3 ? ? C DG 4 B DC 3 1_555 ? ? ? ? ? ? WATSON-CRICK ? ? ? 
hydrog10 hydrog ? ? B DG 4 N2 ? ? ? 1_555 C DC 3 O2 ? ? C DG 4 B DC 3 1_555 ? ? ? ? ? ? WATSON-CRICK ? ? ? 
hydrog11 hydrog ? ? B DG 4 O6 ? ? ? 1_555 C DC 3 N4 ? ? C DG 4 B DC 3 1_555 ? ? ? ? ? ? WATSON-CRICK ? ? ? 
hydrog12 hydrog ? ? B DG 5 N1 ? ? ? 1_555 C DC 2 N3 ? ? C DG 5 B DC 2 1_555 ? ? ? ? ? ? WATSON-CRICK ? ? ? 
hydrog13 hydrog ? ? B DG 5 N2 ? ? ? 1_555 C DC 2 O2 ? ? C DG 5 B DC 2 1_555 ? ? ? ? ? ? WATSON-CRICK ? ? ? 
hydrog14 hydrog ? ? B DG 5 O6 ? ? ? 1_555 C DC 2 N4 ? ? C DG 5 B DC 2 1_555 ? ? ? ? ? ? WATSON-CRICK ? ? ? 
hydrog15 hydrog ? ? B DA 6 N1 ? ? ? 1_555 C DT 1 N3 ? ? C DA 6 B DT 1 1_555 ? ? ? ? ? ? WATSON-CRICK ? ? ? 
hydrog16 hydrog ? ? B DA 6 N6 ? ? ? 1_555 C DT 1 O4 ? ? C DA 6 B DT 1 1_555 ? ? ? ? ? ? WATSON-CRICK ? ? ? 
# 
_struct_conn_type.id          hydrog 
_struct_conn_type.criteria    ? 
_struct_conn_type.reference   ? 
# 
loop_
_pdbx_validate_symm_contact.id 
_pdbx_validate_symm_contact.PDB_model_num 
_pdbx_validate_symm_contact.auth_atom_id_1 
_pdbx_validate_symm_contact.auth_asym_id_1 
_pdbx_validate_symm_contact.auth_comp_id_1 
_pdbx_validate_symm_contact.auth_seq_id_1 
_pdbx_validate_symm_contact.PDB_ins_code_1 
_pdbx_validate_symm_contact.label_alt_id_1 
_pdbx_validate_symm_contact.site_symmetry_1 
_pdbx_validate_symm_contact.auth_atom_id_2 
_pdbx_validate_symm_contact.auth_asym_id_2 
_pdbx_validate_symm_contact.auth_comp_id_2 
_pdbx_validate_symm_contact.auth_seq_id_2 
_pdbx_validate_symm_contact.PDB_ins_code_2 
_pdbx_validate_symm_contact.label_alt_id_2 
_pdbx_validate_symm_contact.site_symmetry_2 
_pdbx_validate_symm_contact.dist 
1 1 "O3'" C DA 6 ? ? 1_555 OP2 B DT 1 ? ? 7_555 1.40 
2 1 "O3'" C DA 6 ? ? 1_555 P   B DT 1 ? ? 7_555 1.61 
3 1 "O3'" A DG 5 ? ? 1_555 P   C DC 1 ? ? 7_555 1.62 
4 1 "O3'" A DG 5 ? ? 1_555 OP1 C DC 1 ? ? 7_555 1.77 
# 
loop_
_pdbx_validate_rmsd_bond.id 
_pdbx_validate_rmsd_bond.PDB_model_num 
_pdbx_validate_rmsd_bond.auth_atom_id_1 
_pdbx_validate_rmsd_bond.auth_asym_id_1 
_pdbx_validate_rmsd_bond.auth_comp_id_1 
_pdbx_validate_rmsd_bond.auth_seq_id_1 
_pdbx_validate_rmsd_bond.PDB_ins_code_1 
_pdbx_validate_rmsd_bond.label_alt_id_1 
_pdbx_validate_rmsd_bond.auth_atom_id_2 
_pdbx_validate_rmsd_bond.auth_asym_id_2 
_pdbx_validate_rmsd_bond.auth_comp_id_2 
_pdbx_validate_rmsd_bond.auth_seq_id_2 
_pdbx_validate_rmsd_bond.PDB_ins_code_2 
_pdbx_validate_rmsd_bond.label_alt_id_2 
_pdbx_validate_rmsd_bond.bond_value 
_pdbx_validate_rmsd_bond.bond_target_value 
_pdbx_validate_rmsd_bond.bond_deviation 
_pdbx_validate_rmsd_bond.bond_standard_deviation 
_pdbx_validate_rmsd_bond.linker_flag 
1 1 "O3'" A DG 2 ? ? "C3'" A DG 2 ? ? 1.373 1.419 -0.046 0.006 N 
2 1 "O3'" A DA 3 ? ? "C3'" A DA 3 ? ? 1.381 1.419 -0.038 0.006 N 
3 1 "O3'" C DC 1 ? ? "C3'" C DC 1 ? ? 1.380 1.419 -0.039 0.006 N 
4 1 "O3'" C DG 2 ? ? "C3'" C DG 2 ? ? 1.380 1.419 -0.039 0.006 N 
# 
loop_
_pdbx_validate_rmsd_angle.id 
_pdbx_validate_rmsd_angle.PDB_model_num 
_pdbx_validate_rmsd_angle.auth_atom_id_1 
_pdbx_validate_rmsd_angle.auth_asym_id_1 
_pdbx_validate_rmsd_angle.auth_comp_id_1 
_pdbx_validate_rmsd_angle.auth_seq_id_1 
_pdbx_validate_rmsd_angle.PDB_ins_code_1 
_pdbx_validate_rmsd_angle.label_alt_id_1 
_pdbx_validate_rmsd_angle.auth_atom_id_2 
_pdbx_validate_rmsd_angle.auth_asym_id_2 
_pdbx_validate_rmsd_angle.auth_comp_id_2 
_pdbx_validate_rmsd_angle.auth_seq_id_2 
_pdbx_validate_rmsd_angle.PDB_ins_code_2 
_pdbx_validate_rmsd_angle.label_alt_id_2 
_pdbx_validate_rmsd_angle.auth_atom_id_3 
_pdbx_validate_rmsd_angle.auth_asym_id_3 
_pdbx_validate_rmsd_angle.auth_comp_id_3 
_pdbx_validate_rmsd_angle.auth_seq_id_3 
_pdbx_validate_rmsd_angle.PDB_ins_code_3 
_pdbx_validate_rmsd_angle.label_alt_id_3 
_pdbx_validate_rmsd_angle.angle_value 
_pdbx_validate_rmsd_angle.angle_target_value 
_pdbx_validate_rmsd_angle.angle_deviation 
_pdbx_validate_rmsd_angle.angle_standard_deviation 
_pdbx_validate_rmsd_angle.linker_flag 
1 1 "O4'" A DG 2 ? ? "C1'" A DG 2 ? ? N9 A DG 2 ? ? 110.14 108.30 1.84 0.30 N 
2 1 "O4'" A DC 4 ? ? "C1'" A DC 4 ? ? N1 A DC 4 ? ? 110.49 108.30 2.19 0.30 N 
# 
loop_
_space_group_symop.id 
_space_group_symop.operation_xyz 
1 x,y,z        
2 -y,x,z+3/4   
3 y,-x,z+1/4   
4 x,-y,-z+1/2  
5 -x,y,-z      
6 -x,-y,z+1/2  
7 y,x,-z+1/4   
8 -y,-x,-z+3/4 
# 
_pdbx_refine_tls.id               1 
_pdbx_refine_tls.pdbx_refine_id   'X-RAY DIFFRACTION' 
_pdbx_refine_tls.details          ? 
_pdbx_refine_tls.method           refined 
_pdbx_refine_tls.origin_x         -0.01249480686 
_pdbx_refine_tls.origin_y         -0.0561639927 
_pdbx_refine_tls.origin_z         -0.01963961877 
_pdbx_refine_tls.T[1][1]          0.11061259426 
_pdbx_refine_tls.T[1][1]_esd      ? 
_pdbx_refine_tls.T[1][2]          -0.021486134416 
_pdbx_refine_tls.T[1][2]_esd      ? 
_pdbx_refine_tls.T[1][3]          0.092555351409 
_pdbx_refine_tls.T[1][3]_esd      ? 
_pdbx_refine_tls.T[2][2]          0.274647498404 
_pdbx_refine_tls.T[2][2]_esd      ? 
_pdbx_refine_tls.T[2][3]          -0.042780706558 
_pdbx_refine_tls.T[2][3]_esd      ? 
_pdbx_refine_tls.T[3][3]          -0.038110471550 
_pdbx_refine_tls.T[3][3]_esd      ? 
_pdbx_refine_tls.L[1][1]          0.639145034452 
_pdbx_refine_tls.L[1][1]_esd      ? 
_pdbx_refine_tls.L[1][2]          -0.448724354196 
_pdbx_refine_tls.L[1][2]_esd      ? 
_pdbx_refine_tls.L[1][3]          -0.368139424036 
_pdbx_refine_tls.L[1][3]_esd      ? 
_pdbx_refine_tls.L[2][2]          1.14454857771 
_pdbx_refine_tls.L[2][2]_esd      ? 
_pdbx_refine_tls.L[2][3]          -0.146611005912 
_pdbx_refine_tls.L[2][3]_esd      ? 
_pdbx_refine_tls.L[3][3]          1.61819100703 
_pdbx_refine_tls.L[3][3]_esd      ? 
_pdbx_refine_tls.S[1][1]          0.505668476909 
_pdbx_refine_tls.S[1][1]_esd      ? 
_pdbx_refine_tls.S[1][2]          -0.367880361167 
_pdbx_refine_tls.S[1][2]_esd      ? 
_pdbx_refine_tls.S[1][3]          -0.303208741034 
_pdbx_refine_tls.S[1][3]_esd      ? 
_pdbx_refine_tls.S[2][1]          -0.34600501699 
_pdbx_refine_tls.S[2][1]_esd      ? 
_pdbx_refine_tls.S[2][2]          0.770357627921 
_pdbx_refine_tls.S[2][2]_esd      ? 
_pdbx_refine_tls.S[2][3]          0.424986794425 
_pdbx_refine_tls.S[2][3]_esd      ? 
_pdbx_refine_tls.S[3][1]          -0.193348148918 
_pdbx_refine_tls.S[3][1]_esd      ? 
_pdbx_refine_tls.S[3][2]          0.045941549253 
_pdbx_refine_tls.S[3][2]_esd      ? 
_pdbx_refine_tls.S[3][3]          0.50323440444 
_pdbx_refine_tls.S[3][3]_esd      ? 
# 
_pdbx_refine_tls_group.id                  1 
_pdbx_refine_tls_group.pdbx_refine_id      'X-RAY DIFFRACTION' 
_pdbx_refine_tls_group.refine_tls_id       1 
_pdbx_refine_tls_group.beg_label_asym_id   A 
_pdbx_refine_tls_group.beg_label_seq_id    ? 
_pdbx_refine_tls_group.beg_auth_asym_id    A 
_pdbx_refine_tls_group.beg_auth_seq_id     1 
_pdbx_refine_tls_group.beg_PDB_ins_code    ? 
_pdbx_refine_tls_group.end_label_asym_id   C 
_pdbx_refine_tls_group.end_label_seq_id    ? 
_pdbx_refine_tls_group.end_auth_asym_id    B 
_pdbx_refine_tls_group.end_auth_seq_id     5 
_pdbx_refine_tls_group.end_PDB_ins_code    ? 
_pdbx_refine_tls_group.selection           ? 
_pdbx_refine_tls_group.selection_details   all 
# 
loop_
_chem_comp_atom.comp_id 
_chem_comp_atom.atom_id 
_chem_comp_atom.type_symbol 
_chem_comp_atom.pdbx_aromatic_flag 
_chem_comp_atom.pdbx_stereo_config 
_chem_comp_atom.pdbx_ordinal 
DA OP3    O N N 1   
DA P      P N N 2   
DA OP1    O N N 3   
DA OP2    O N N 4   
DA "O5'"  O N N 5   
DA "C5'"  C N N 6   
DA "C4'"  C N R 7   
DA "O4'"  O N N 8   
DA "C3'"  C N S 9   
DA "O3'"  O N N 10  
DA "C2'"  C N N 11  
DA "C1'"  C N R 12  
DA N9     N Y N 13  
DA C8     C Y N 14  
DA N7     N Y N 15  
DA C5     C Y N 16  
DA C6     C Y N 17  
DA N6     N N N 18  
DA N1     N Y N 19  
DA C2     C Y N 20  
DA N3     N Y N 21  
DA C4     C Y N 22  
DA HOP3   H N N 23  
DA HOP2   H N N 24  
DA "H5'"  H N N 25  
DA "H5''" H N N 26  
DA "H4'"  H N N 27  
DA "H3'"  H N N 28  
DA "HO3'" H N N 29  
DA "H2'"  H N N 30  
DA "H2''" H N N 31  
DA "H1'"  H N N 32  
DA H8     H N N 33  
DA H61    H N N 34  
DA H62    H N N 35  
DA H2     H N N 36  
DC OP3    O N N 37  
DC P      P N N 38  
DC OP1    O N N 39  
DC OP2    O N N 40  
DC "O5'"  O N N 41  
DC "C5'"  C N N 42  
DC "C4'"  C N R 43  
DC "O4'"  O N N 44  
DC "C3'"  C N S 45  
DC "O3'"  O N N 46  
DC "C2'"  C N N 47  
DC "C1'"  C N R 48  
DC N1     N N N 49  
DC C2     C N N 50  
DC O2     O N N 51  
DC N3     N N N 52  
DC C4     C N N 53  
DC N4     N N N 54  
DC C5     C N N 55  
DC C6     C N N 56  
DC HOP3   H N N 57  
DC HOP2   H N N 58  
DC "H5'"  H N N 59  
DC "H5''" H N N 60  
DC "H4'"  H N N 61  
DC "H3'"  H N N 62  
DC "HO3'" H N N 63  
DC "H2'"  H N N 64  
DC "H2''" H N N 65  
DC "H1'"  H N N 66  
DC H41    H N N 67  
DC H42    H N N 68  
DC H5     H N N 69  
DC H6     H N N 70  
DG OP3    O N N 71  
DG P      P N N 72  
DG OP1    O N N 73  
DG OP2    O N N 74  
DG "O5'"  O N N 75  
DG "C5'"  C N N 76  
DG "C4'"  C N R 77  
DG "O4'"  O N N 78  
DG "C3'"  C N S 79  
DG "O3'"  O N N 80  
DG "C2'"  C N N 81  
DG "C1'"  C N R 82  
DG N9     N Y N 83  
DG C8     C Y N 84  
DG N7     N Y N 85  
DG C5     C Y N 86  
DG C6     C N N 87  
DG O6     O N N 88  
DG N1     N N N 89  
DG C2     C N N 90  
DG N2     N N N 91  
DG N3     N N N 92  
DG C4     C Y N 93  
DG HOP3   H N N 94  
DG HOP2   H N N 95  
DG "H5'"  H N N 96  
DG "H5''" H N N 97  
DG "H4'"  H N N 98  
DG "H3'"  H N N 99  
DG "HO3'" H N N 100 
DG "H2'"  H N N 101 
DG "H2''" H N N 102 
DG "H1'"  H N N 103 
DG H8     H N N 104 
DG H1     H N N 105 
DG H21    H N N 106 
DG H22    H N N 107 
DT OP3    O N N 108 
DT P      P N N 109 
DT OP1    O N N 110 
DT OP2    O N N 111 
DT "O5'"  O N N 112 
DT "C5'"  C N N 113 
DT "C4'"  C N R 114 
DT "O4'"  O N N 115 
DT "C3'"  C N S 116 
DT "O3'"  O N N 117 
DT "C2'"  C N N 118 
DT "C1'"  C N R 119 
DT N1     N N N 120 
DT C2     C N N 121 
DT O2     O N N 122 
DT N3     N N N 123 
DT C4     C N N 124 
DT O4     O N N 125 
DT C5     C N N 126 
DT C7     C N N 127 
DT C6     C N N 128 
DT HOP3   H N N 129 
DT HOP2   H N N 130 
DT "H5'"  H N N 131 
DT "H5''" H N N 132 
DT "H4'"  H N N 133 
DT "H3'"  H N N 134 
DT "HO3'" H N N 135 
DT "H2'"  H N N 136 
DT "H2''" H N N 137 
DT "H1'"  H N N 138 
DT H3     H N N 139 
DT H71    H N N 140 
DT H72    H N N 141 
DT H73    H N N 142 
DT H6     H N N 143 
# 
loop_
_chem_comp_bond.comp_id 
_chem_comp_bond.atom_id_1 
_chem_comp_bond.atom_id_2 
_chem_comp_bond.value_order 
_chem_comp_bond.pdbx_aromatic_flag 
_chem_comp_bond.pdbx_stereo_config 
_chem_comp_bond.pdbx_ordinal 
DA OP3   P      sing N N 1   
DA OP3   HOP3   sing N N 2   
DA P     OP1    doub N N 3   
DA P     OP2    sing N N 4   
DA P     "O5'"  sing N N 5   
DA OP2   HOP2   sing N N 6   
DA "O5'" "C5'"  sing N N 7   
DA "C5'" "C4'"  sing N N 8   
DA "C5'" "H5'"  sing N N 9   
DA "C5'" "H5''" sing N N 10  
DA "C4'" "O4'"  sing N N 11  
DA "C4'" "C3'"  sing N N 12  
DA "C4'" "H4'"  sing N N 13  
DA "O4'" "C1'"  sing N N 14  
DA "C3'" "O3'"  sing N N 15  
DA "C3'" "C2'"  sing N N 16  
DA "C3'" "H3'"  sing N N 17  
DA "O3'" "HO3'" sing N N 18  
DA "C2'" "C1'"  sing N N 19  
DA "C2'" "H2'"  sing N N 20  
DA "C2'" "H2''" sing N N 21  
DA "C1'" N9     sing N N 22  
DA "C1'" "H1'"  sing N N 23  
DA N9    C8     sing Y N 24  
DA N9    C4     sing Y N 25  
DA C8    N7     doub Y N 26  
DA C8    H8     sing N N 27  
DA N7    C5     sing Y N 28  
DA C5    C6     sing Y N 29  
DA C5    C4     doub Y N 30  
DA C6    N6     sing N N 31  
DA C6    N1     doub Y N 32  
DA N6    H61    sing N N 33  
DA N6    H62    sing N N 34  
DA N1    C2     sing Y N 35  
DA C2    N3     doub Y N 36  
DA C2    H2     sing N N 37  
DA N3    C4     sing Y N 38  
DC OP3   P      sing N N 39  
DC OP3   HOP3   sing N N 40  
DC P     OP1    doub N N 41  
DC P     OP2    sing N N 42  
DC P     "O5'"  sing N N 43  
DC OP2   HOP2   sing N N 44  
DC "O5'" "C5'"  sing N N 45  
DC "C5'" "C4'"  sing N N 46  
DC "C5'" "H5'"  sing N N 47  
DC "C5'" "H5''" sing N N 48  
DC "C4'" "O4'"  sing N N 49  
DC "C4'" "C3'"  sing N N 50  
DC "C4'" "H4'"  sing N N 51  
DC "O4'" "C1'"  sing N N 52  
DC "C3'" "O3'"  sing N N 53  
DC "C3'" "C2'"  sing N N 54  
DC "C3'" "H3'"  sing N N 55  
DC "O3'" "HO3'" sing N N 56  
DC "C2'" "C1'"  sing N N 57  
DC "C2'" "H2'"  sing N N 58  
DC "C2'" "H2''" sing N N 59  
DC "C1'" N1     sing N N 60  
DC "C1'" "H1'"  sing N N 61  
DC N1    C2     sing N N 62  
DC N1    C6     sing N N 63  
DC C2    O2     doub N N 64  
DC C2    N3     sing N N 65  
DC N3    C4     doub N N 66  
DC C4    N4     sing N N 67  
DC C4    C5     sing N N 68  
DC N4    H41    sing N N 69  
DC N4    H42    sing N N 70  
DC C5    C6     doub N N 71  
DC C5    H5     sing N N 72  
DC C6    H6     sing N N 73  
DG OP3   P      sing N N 74  
DG OP3   HOP3   sing N N 75  
DG P     OP1    doub N N 76  
DG P     OP2    sing N N 77  
DG P     "O5'"  sing N N 78  
DG OP2   HOP2   sing N N 79  
DG "O5'" "C5'"  sing N N 80  
DG "C5'" "C4'"  sing N N 81  
DG "C5'" "H5'"  sing N N 82  
DG "C5'" "H5''" sing N N 83  
DG "C4'" "O4'"  sing N N 84  
DG "C4'" "C3'"  sing N N 85  
DG "C4'" "H4'"  sing N N 86  
DG "O4'" "C1'"  sing N N 87  
DG "C3'" "O3'"  sing N N 88  
DG "C3'" "C2'"  sing N N 89  
DG "C3'" "H3'"  sing N N 90  
DG "O3'" "HO3'" sing N N 91  
DG "C2'" "C1'"  sing N N 92  
DG "C2'" "H2'"  sing N N 93  
DG "C2'" "H2''" sing N N 94  
DG "C1'" N9     sing N N 95  
DG "C1'" "H1'"  sing N N 96  
DG N9    C8     sing Y N 97  
DG N9    C4     sing Y N 98  
DG C8    N7     doub Y N 99  
DG C8    H8     sing N N 100 
DG N7    C5     sing Y N 101 
DG C5    C6     sing N N 102 
DG C5    C4     doub Y N 103 
DG C6    O6     doub N N 104 
DG C6    N1     sing N N 105 
DG N1    C2     sing N N 106 
DG N1    H1     sing N N 107 
DG C2    N2     sing N N 108 
DG C2    N3     doub N N 109 
DG N2    H21    sing N N 110 
DG N2    H22    sing N N 111 
DG N3    C4     sing N N 112 
DT OP3   P      sing N N 113 
DT OP3   HOP3   sing N N 114 
DT P     OP1    doub N N 115 
DT P     OP2    sing N N 116 
DT P     "O5'"  sing N N 117 
DT OP2   HOP2   sing N N 118 
DT "O5'" "C5'"  sing N N 119 
DT "C5'" "C4'"  sing N N 120 
DT "C5'" "H5'"  sing N N 121 
DT "C5'" "H5''" sing N N 122 
DT "C4'" "O4'"  sing N N 123 
DT "C4'" "C3'"  sing N N 124 
DT "C4'" "H4'"  sing N N 125 
DT "O4'" "C1'"  sing N N 126 
DT "C3'" "O3'"  sing N N 127 
DT "C3'" "C2'"  sing N N 128 
DT "C3'" "H3'"  sing N N 129 
DT "O3'" "HO3'" sing N N 130 
DT "C2'" "C1'"  sing N N 131 
DT "C2'" "H2'"  sing N N 132 
DT "C2'" "H2''" sing N N 133 
DT "C1'" N1     sing N N 134 
DT "C1'" "H1'"  sing N N 135 
DT N1    C2     sing N N 136 
DT N1    C6     sing N N 137 
DT C2    O2     doub N N 138 
DT C2    N3     sing N N 139 
DT N3    C4     sing N N 140 
DT N3    H3     sing N N 141 
DT C4    O4     doub N N 142 
DT C4    C5     sing N N 143 
DT C5    C7     sing N N 144 
DT C5    C6     doub N N 145 
DT C7    H71    sing N N 146 
DT C7    H72    sing N N 147 
DT C7    H73    sing N N 148 
DT C6    H6     sing N N 149 
# 
_ndb_struct_conf_na.entry_id   8EP8 
_ndb_struct_conf_na.feature    'b-form double helix' 
# 
loop_
_ndb_struct_na_base_pair.model_number 
_ndb_struct_na_base_pair.i_label_asym_id 
_ndb_struct_na_base_pair.i_label_comp_id 
_ndb_struct_na_base_pair.i_label_seq_id 
_ndb_struct_na_base_pair.i_symmetry 
_ndb_struct_na_base_pair.j_label_asym_id 
_ndb_struct_na_base_pair.j_label_comp_id 
_ndb_struct_na_base_pair.j_label_seq_id 
_ndb_struct_na_base_pair.j_symmetry 
_ndb_struct_na_base_pair.shear 
_ndb_struct_na_base_pair.stretch 
_ndb_struct_na_base_pair.stagger 
_ndb_struct_na_base_pair.buckle 
_ndb_struct_na_base_pair.propeller 
_ndb_struct_na_base_pair.opening 
_ndb_struct_na_base_pair.pair_number 
_ndb_struct_na_base_pair.pair_name 
_ndb_struct_na_base_pair.i_auth_asym_id 
_ndb_struct_na_base_pair.i_auth_seq_id 
_ndb_struct_na_base_pair.i_PDB_ins_code 
_ndb_struct_na_base_pair.j_auth_asym_id 
_ndb_struct_na_base_pair.j_auth_seq_id 
_ndb_struct_na_base_pair.j_PDB_ins_code 
_ndb_struct_na_base_pair.hbond_type_28 
_ndb_struct_na_base_pair.hbond_type_12 
1 A DA 3 1_555 B DT 3 1_555 0.001  -0.140 0.336  2.934  0.057  3.176  1 A_DA3:DT3_C A 3 ? C 3 ? 20 1 
1 A DC 4 1_555 B DG 2 1_555 0.316  -0.064 0.233  2.531  -1.526 2.997  2 A_DC4:DG2_C A 4 ? C 2 ? 19 1 
1 A DG 5 1_555 B DC 1 1_555 -0.616 0.172  0.582  7.371  -3.904 9.656  3 A_DG5:DC1_C A 5 ? C 1 ? 19 1 
1 B DG 4 1_555 C DC 3 1_555 -0.342 -0.025 0.406  8.189  3.199  7.477  4 C_DG4:DC3_B C 4 ? B 3 ? 19 1 
1 B DG 5 1_555 C DC 2 1_555 -0.196 -0.121 0.020  6.092  -4.498 2.812  5 C_DG5:DC2_B C 5 ? B 2 ? 19 1 
1 B DA 6 1_555 C DT 1 1_555 -0.031 -0.170 -0.464 -2.973 -9.457 -0.226 6 C_DA6:DT1_B C 6 ? B 1 ? 20 1 
# 
loop_
_ndb_struct_na_base_pair_step.model_number 
_ndb_struct_na_base_pair_step.i_label_asym_id_1 
_ndb_struct_na_base_pair_step.i_label_comp_id_1 
_ndb_struct_na_base_pair_step.i_label_seq_id_1 
_ndb_struct_na_base_pair_step.i_symmetry_1 
_ndb_struct_na_base_pair_step.j_label_asym_id_1 
_ndb_struct_na_base_pair_step.j_label_comp_id_1 
_ndb_struct_na_base_pair_step.j_label_seq_id_1 
_ndb_struct_na_base_pair_step.j_symmetry_1 
_ndb_struct_na_base_pair_step.i_label_asym_id_2 
_ndb_struct_na_base_pair_step.i_label_comp_id_2 
_ndb_struct_na_base_pair_step.i_label_seq_id_2 
_ndb_struct_na_base_pair_step.i_symmetry_2 
_ndb_struct_na_base_pair_step.j_label_asym_id_2 
_ndb_struct_na_base_pair_step.j_label_comp_id_2 
_ndb_struct_na_base_pair_step.j_label_seq_id_2 
_ndb_struct_na_base_pair_step.j_symmetry_2 
_ndb_struct_na_base_pair_step.shift 
_ndb_struct_na_base_pair_step.slide 
_ndb_struct_na_base_pair_step.rise 
_ndb_struct_na_base_pair_step.tilt 
_ndb_struct_na_base_pair_step.roll 
_ndb_struct_na_base_pair_step.twist 
_ndb_struct_na_base_pair_step.x_displacement 
_ndb_struct_na_base_pair_step.y_displacement 
_ndb_struct_na_base_pair_step.helical_rise 
_ndb_struct_na_base_pair_step.inclination 
_ndb_struct_na_base_pair_step.tip 
_ndb_struct_na_base_pair_step.helical_twist 
_ndb_struct_na_base_pair_step.step_number 
_ndb_struct_na_base_pair_step.step_name 
_ndb_struct_na_base_pair_step.i_auth_asym_id_1 
_ndb_struct_na_base_pair_step.i_auth_seq_id_1 
_ndb_struct_na_base_pair_step.i_PDB_ins_code_1 
_ndb_struct_na_base_pair_step.j_auth_asym_id_1 
_ndb_struct_na_base_pair_step.j_auth_seq_id_1 
_ndb_struct_na_base_pair_step.j_PDB_ins_code_1 
_ndb_struct_na_base_pair_step.i_auth_asym_id_2 
_ndb_struct_na_base_pair_step.i_auth_seq_id_2 
_ndb_struct_na_base_pair_step.i_PDB_ins_code_2 
_ndb_struct_na_base_pair_step.j_auth_asym_id_2 
_ndb_struct_na_base_pair_step.j_auth_seq_id_2 
_ndb_struct_na_base_pair_step.j_PDB_ins_code_2 
1 A DA 3 1_555 B DT 3 1_555 A DC 4 1_555 B DG 2 1_555 0.335  -0.756 3.402 1.530  3.616  27.183 -2.507 -0.319 3.289 7.642  -3.235 
27.460 1 AA_DA3DC4:DG2DT3_CC A 3 ? C 3 ? A 4 ? C 2 ? 
1 A DC 4 1_555 B DG 2 1_555 A DG 5 1_555 B DC 1 1_555 0.351  0.855  3.050 -0.075 0.473  38.673 1.237  -0.538 3.059 0.715  0.113  
38.676 2 AA_DC4DG5:DC1DG2_CC A 4 ? C 2 ? A 5 ? C 1 ? 
1 B DG 4 1_555 C DC 3 1_555 B DG 5 1_555 C DC 2 1_555 -0.062 -0.935 3.455 1.383  4.923  27.583 -3.128 0.465  3.235 10.214 -2.870 
28.044 3 CC_DG4DG5:DC2DC3_BB C 4 ? B 3 ? C 5 ? B 2 ? 
1 B DG 5 1_555 C DC 2 1_555 B DA 6 1_555 C DT 1 1_555 -0.737 0.415  3.565 0.262  -0.027 39.901 0.612  1.112  3.560 -0.040 -0.384 
39.902 4 CC_DG5DA6:DT1DC2_BB C 5 ? B 2 ? C 6 ? B 1 ? 
# 
loop_
_pdbx_audit_support.funding_organization 
_pdbx_audit_support.country 
_pdbx_audit_support.grant_number 
_pdbx_audit_support.ordinal 
'National Science Foundation (NSF, United States)'                                         'United States' CMMI-2025187 1 
'National Science Foundation (NSF, United States)'                                         'United States' CCF-2107393  2 
'National Institutes of Health/National Institute of General Medical Sciences (NIH/NIGMS)' 'United States' 1R01GM127884 3 
'National Institutes of Health/National Institute of General Medical Sciences (NIH/NIGMS)' 'United States' 1R01GM127896 4 
# 
_pdbx_initial_refinement_model.id               1 
_pdbx_initial_refinement_model.entity_id_list   ? 
_pdbx_initial_refinement_model.type             'in silico model' 
_pdbx_initial_refinement_model.source_name      Other 
_pdbx_initial_refinement_model.accession_code   ? 
_pdbx_initial_refinement_model.details          'ideal B type DNA duplexes generated in Cadnano' 
# 
_space_group.name_H-M_alt     'P 43 2 2' 
_space_group.name_Hall        'P 4cw 2c' 
_space_group.IT_number        95 
_space_group.crystal_system   tetragonal 
_space_group.id               1 
# 
_atom_sites.entry_id                    8EP8 
_atom_sites.Cartn_transf_matrix[1][1]   ? 
_atom_sites.Cartn_transf_matrix[1][2]   ? 
_atom_sites.Cartn_transf_matrix[1][3]   ? 
_atom_sites.Cartn_transf_matrix[2][1]   ? 
_atom_sites.Cartn_transf_matrix[2][2]   ? 
_atom_sites.Cartn_transf_matrix[2][3]   ? 
_atom_sites.Cartn_transf_matrix[3][1]   ? 
_atom_sites.Cartn_transf_matrix[3][2]   ? 
_atom_sites.Cartn_transf_matrix[3][3]   ? 
_atom_sites.Cartn_transf_vector[1]      ? 
_atom_sites.Cartn_transf_vector[2]      ? 
_atom_sites.Cartn_transf_vector[3]      ? 
_atom_sites.fract_transf_matrix[1][1]   0.02151994 
_atom_sites.fract_transf_matrix[1][2]   0.01928372 
_atom_sites.fract_transf_matrix[1][3]   -0.00913364 
_atom_sites.fract_transf_matrix[2][1]   0.01095803 
_atom_sites.fract_transf_matrix[2][2]   0.00114287 
_atom_sites.fract_transf_matrix[2][3]   0.02823134 
_atom_sites.fract_transf_matrix[3][1]   0.00579074 
_atom_sites.fract_transf_matrix[3][2]   -0.00738526 
_atom_sites.fract_transf_matrix[3][3]   -0.00194871 
_atom_sites.fract_transf_vector[1]      0.215108 
_atom_sites.fract_transf_vector[2]      0.316870 
_atom_sites.fract_transf_vector[3]      0.062678 
_atom_sites.solution_primary            ? 
_atom_sites.solution_secondary          ? 
_atom_sites.solution_hydrogens          ? 
_atom_sites.special_details             ? 
# 
loop_
_atom_type.symbol 
_atom_type.scat_dispersion_real 
_atom_type.scat_dispersion_imag 
_atom_type.scat_Cromer_Mann_a1 
_atom_type.scat_Cromer_Mann_a2 
_atom_type.scat_Cromer_Mann_a3 
_atom_type.scat_Cromer_Mann_a4 
_atom_type.scat_Cromer_Mann_b1 
_atom_type.scat_Cromer_Mann_b2 
_atom_type.scat_Cromer_Mann_b3 
_atom_type.scat_Cromer_Mann_b4 
_atom_type.scat_Cromer_Mann_c 
_atom_type.scat_source 
_atom_type.scat_dispersion_source 
C ? ? 3.54356 2.42580 ? ? 25.62398 1.50364  ? ? 0.0 
;2-Gaussian fit: Grosse-Kunstleve RW, Sauter NK, Adams PD: Newsletter of the IUCr Commission on Crystallographic Computing 2004, 3, 22-31.
;
? 
N ? ? 4.01032 2.96436 ? ? 19.97189 1.75589  ? ? 0.0 
;2-Gaussian fit: Grosse-Kunstleve RW, Sauter NK, Adams PD: Newsletter of the IUCr Commission on Crystallographic Computing 2004, 3, 22-31.
;
? 
O ? ? 4.49882 3.47563 ? ? 15.80542 1.70748  ? ? 0.0 
;2-Gaussian fit: Grosse-Kunstleve RW, Sauter NK, Adams PD: Newsletter of the IUCr Commission on Crystallographic Computing 2004, 3, 22-31.
;
? 
P ? ? 9.51135 5.44231 ? ? 1.42069  35.72801 ? ? 0.0 
;2-Gaussian fit: Grosse-Kunstleve RW, Sauter NK, Adams PD: Newsletter of the IUCr Commission on Crystallographic Computing 2004, 3, 22-31.
;
? 
# 
loop_
_atom_site.group_PDB 
_atom_site.id 
_atom_site.type_symbol 
_atom_site.label_atom_id 
_atom_site.label_alt_id 
_atom_site.label_comp_id 
_atom_site.label_asym_id 
_atom_site.label_entity_id 
_atom_site.label_seq_id 
_atom_site.pdbx_PDB_ins_code 
_atom_site.Cartn_x 
_atom_site.Cartn_y 
_atom_site.Cartn_z 
_atom_site.occupancy 
_atom_site.B_iso_or_equiv 
_atom_site.pdbx_formal_charge 
_atom_site.auth_seq_id 
_atom_site.auth_comp_id 
_atom_site.auth_asym_id 
_atom_site.auth_atom_id 
_atom_site.pdbx_PDB_model_num 
ATOM 1   O "O5'" . DC A 1 1 ? 11.64743  16.76752  0.65101   1.000 30.91865 ? 1 DC A "O5'" 1 
ATOM 2   C "C5'" . DC A 1 1 ? 10.71032  17.74133  1.09683   1.000 23.62595 ? 1 DC A "C5'" 1 
ATOM 3   C "C4'" . DC A 1 1 ? 10.49508  17.62342  2.58967   1.000 17.46885 ? 1 DC A "C4'" 1 
ATOM 4   O "O4'" . DC A 1 1 ? 9.08516   17.68971  2.86838   1.000 17.02951 ? 1 DC A "O4'" 1 
ATOM 5   C "C3'" . DC A 1 1 ? 10.93081  16.30619  3.18087   1.000 18.91135 ? 1 DC A "C3'" 1 
ATOM 6   O "O3'" . DC A 1 1 ? 12.31129  16.34615  3.49067   1.000 22.07268 ? 1 DC A "O3'" 1 
ATOM 7   C "C2'" . DC A 1 1 ? 10.08007  16.23459  4.43387   1.000 20.85957 ? 1 DC A "C2'" 1 
ATOM 8   C "C1'" . DC A 1 1 ? 8.77383   16.86106  3.96825   1.000 18.50895 ? 1 DC A "C1'" 1 
ATOM 9   N N1    . DC A 1 1 ? 7.74328   15.86639  3.55097   1.000 18.91642 ? 1 DC A N1    1 
ATOM 10  C C2    . DC A 1 1 ? 7.06788   15.10628  4.51367   1.000 19.94134 ? 1 DC A C2    1 
ATOM 11  O O2    . DC A 1 1 ? 7.33909   15.26035  5.71636   1.000 17.15911 ? 1 DC A O2    1 
ATOM 12  N N3    . DC A 1 1 ? 6.13369   14.20941  4.09841   1.000 21.30679 ? 1 DC A N3    1 
ATOM 13  C C4    . DC A 1 1 ? 5.86810   14.06544  2.79544   1.000 15.87449 ? 1 DC A C4    1 
ATOM 14  N N4    . DC A 1 1 ? 4.94486   13.17320  2.43567   1.000 13.10546 ? 1 DC A N4    1 
ATOM 15  C C5    . DC A 1 1 ? 6.54216   14.82829  1.81309   1.000 20.68415 ? 1 DC A C5    1 
ATOM 16  C C6    . DC A 1 1 ? 7.46321   15.70715  2.22988   1.000 24.09867 ? 1 DC A C6    1 
ATOM 17  P P     . DG A 1 2 ? 12.97709  15.18034  4.37580   1.000 23.38013 ? 2 DG A P     1 
ATOM 18  O OP1   . DG A 1 2 ? 14.43873  15.29077  4.20664   1.000 31.93794 ? 2 DG A OP1   1 
ATOM 19  O OP2   . DG A 1 2 ? 12.34329  13.88637  4.04730   1.000 23.92776 ? 2 DG A OP2   1 
ATOM 20  O "O5'" . DG A 1 2 ? 12.57047  15.58017  5.87111   1.000 25.06502 ? 2 DG A "O5'" 1 
ATOM 21  C "C5'" . DG A 1 2 ? 13.09826  14.87137  6.97143   1.000 27.37040 ? 2 DG A "C5'" 1 
ATOM 22  C "C4'" . DG A 1 2 ? 12.06468  13.94217  7.58291   1.000 22.60460 ? 2 DG A "C4'" 1 
ATOM 23  O "O4'" . DG A 1 2 ? 10.85397  13.96254  6.81809   1.000 21.76601 ? 2 DG A "O4'" 1 
ATOM 24  C "C3'" . DG A 1 2 ? 12.46820  12.49092  7.56788   1.000 24.02064 ? 2 DG A "C3'" 1 
ATOM 25  O "O3'" . DG A 1 2 ? 13.21405  12.20621  8.68444   1.000 27.06093 ? 2 DG A "O3'" 1 
ATOM 26  C "C2'" . DG A 1 2 ? 11.14098  11.74479  7.60255   1.000 24.56758 ? 2 DG A "C2'" 1 
ATOM 27  C "C1'" . DG A 1 2 ? 10.14480  12.76621  7.09475   1.000 25.03218 ? 2 DG A "C1'" 1 
ATOM 28  N N9    . DG A 1 2 ? 9.42657   12.32340  5.90818   1.000 25.99182 ? 2 DG A N9    1 
ATOM 29  C C8    . DG A 1 2 ? 9.63011   12.72475  4.61242   1.000 25.43872 ? 2 DG A C8    1 
ATOM 30  N N7    . DG A 1 2 ? 8.81673   12.16228  3.76342   1.000 24.20386 ? 2 DG A N7    1 
ATOM 31  C C5    . DG A 1 2 ? 8.02643   11.33770  4.54981   1.000 21.11401 ? 2 DG A C5    1 
ATOM 32  C C6    . DG A 1 2 ? 6.96734   10.48797  4.18554   1.000 20.30118 ? 2 DG A C6    1 
ATOM 33  O O6    . DG A 1 2 ? 6.49704   10.28689  3.05557   1.000 18.56735 ? 2 DG A O6    1 
ATOM 34  N N1    . DG A 1 2 ? 6.44549   9.82891   5.29075   1.000 21.28196 ? 2 DG A N1    1 
ATOM 35  C C2    . DG A 1 2 ? 6.88701   9.98207   6.57949   1.000 21.28723 ? 2 DG A C2    1 
ATOM 36  N N2    . DG A 1 2 ? 6.25310   9.26471   7.51058   1.000 26.33020 ? 2 DG A N2    1 
ATOM 37  N N3    . DG A 1 2 ? 7.87330   10.77925  6.93284   1.000 19.20762 ? 2 DG A N3    1 
ATOM 38  C C4    . DG A 1 2 ? 8.39516   11.42192  5.86967   1.000 21.09165 ? 2 DG A C4    1 
ATOM 39  P P     . DA A 1 3 ? 14.06689  10.85872  8.71089   1.000 29.86884 ? 3 DA A P     1 
ATOM 40  O OP1   . DA A 1 3 ? 14.98826  10.98795  9.86110   1.000 54.39418 ? 3 DA A OP1   1 
ATOM 41  O OP2   . DA A 1 3 ? 14.62630  10.63771  7.35934   1.000 32.84284 ? 3 DA A OP2   1 
ATOM 42  O "O5'" . DA A 1 3 ? 12.97820  9.73513   9.01691   1.000 21.71572 ? 3 DA A "O5'" 1 
ATOM 43  C "C5'" . DA A 1 3 ? 12.14974  9.86193   10.17307  1.000 27.37034 ? 3 DA A "C5'" 1 
ATOM 44  C "C4'" . DA A 1 3 ? 11.34458  8.60688   10.38162  1.000 26.16731 ? 3 DA A "C4'" 1 
ATOM 45  O "O4'" . DA A 1 3 ? 10.30221  8.51346   9.37077   1.000 28.86415 ? 3 DA A "O4'" 1 
ATOM 46  C "C3'" . DA A 1 3 ? 12.15396  7.33242   10.25628  1.000 28.64628 ? 3 DA A "C3'" 1 
ATOM 47  O "O3'" . DA A 1 3 ? 11.62730  6.38099   11.10809  1.000 26.42228 ? 3 DA A "O3'" 1 
ATOM 48  C "C2'" . DA A 1 3 ? 11.94537  6.94024   8.79771   1.000 31.16720 ? 3 DA A "C2'" 1 
ATOM 49  C "C1'" . DA A 1 3 ? 10.49282  7.34320   8.59393   1.000 30.03635 ? 3 DA A "C1'" 1 
ATOM 50  N N9    . DA A 1 3 ? 10.15539  7.62994   7.19689   1.000 26.24885 ? 3 DA A N9    1 
ATOM 51  C C8    . DA A 1 3 ? 10.82233  8.45581   6.34061   1.000 24.47636 ? 3 DA A C8    1 
ATOM 52  N N7    . DA A 1 3 ? 10.29414  8.51469   5.14572   1.000 23.06410 ? 3 DA A N7    1 
ATOM 53  C C5    . DA A 1 3 ? 9.20492   7.66230   5.22367   1.000 23.10970 ? 3 DA A C5    1 
ATOM 54  C C6    . DA A 1 3 ? 8.22001   7.28095   4.28018   1.000 24.85893 ? 3 DA A C6    1 
ATOM 55  N N6    . DA A 1 3 ? 8.18634   7.73055   3.01369   1.000 28.52356 ? 3 DA A N6    1 
ATOM 56  N N1    . DA A 1 3 ? 7.26904   6.41644   4.68900   1.000 20.86694 ? 3 DA A N1    1 
ATOM 57  C C2    . DA A 1 3 ? 7.30950   5.96325   5.94525   1.000 25.86212 ? 3 DA A C2    1 
ATOM 58  N N3    . DA A 1 3 ? 8.18540   6.24384   6.91011   1.000 27.37291 ? 3 DA A N3    1 
ATOM 59  C C4    . DA A 1 3 ? 9.11143   7.10796   6.47857   1.000 23.41984 ? 3 DA A C4    1 
ATOM 60  P P     . DC A 1 4 ? 12.54044  5.17037   11.60576  1.000 32.31491 ? 4 DC A P     1 
ATOM 61  O OP1   . DC A 1 4 ? 12.87267  5.50336   13.01056  1.000 33.62666 ? 4 DC A OP1   1 
ATOM 62  O OP2   . DC A 1 4 ? 13.62972  4.90972   10.62950  1.000 26.30790 ? 4 DC A OP2   1 
ATOM 63  O "O5'" . DC A 1 4 ? 11.53934  3.93985   11.51450  1.000 26.55706 ? 4 DC A "O5'" 1 
ATOM 64  C "C5'" . DC A 1 4 ? 10.31568  4.12112   10.86054  1.000 24.31933 ? 4 DC A "C5'" 1 
ATOM 65  C "C4'" . DC A 1 4 ? 10.11198  3.07460   9.78173   1.000 26.93418 ? 4 DC A "C4'" 1 
ATOM 66  O "O4'" . DC A 1 4 ? 9.89542   3.72173   8.49498   1.000 26.58407 ? 4 DC A "O4'" 1 
ATOM 67  C "C3'" . DC A 1 4 ? 11.27921  2.09643   9.56059   1.000 24.51521 ? 4 DC A "C3'" 1 
ATOM 68  O "O3'" . DC A 1 4 ? 10.76128  0.79136   9.39100   1.000 21.15422 ? 4 DC A "O3'" 1 
ATOM 69  C "C2'" . DC A 1 4 ? 11.87202  2.59841   8.24562   1.000 27.13075 ? 4 DC A "C2'" 1 
ATOM 70  C "C1'" . DC A 1 4 ? 10.58154  2.96210   7.54817   1.000 27.97834 ? 4 DC A "C1'" 1 
ATOM 71  N N1    . DC A 1 4 ? 10.72504  3.71464   6.28817   1.000 25.18672 ? 4 DC A N1    1 
ATOM 72  C C2    . DC A 1 4 ? 9.81646   3.46773   5.27426   1.000 25.21964 ? 4 DC A C2    1 
ATOM 73  O O2    . DC A 1 4 ? 8.91390   2.64291   5.48461   1.000 25.17117 ? 4 DC A O2    1 
ATOM 74  N N3    . DC A 1 4 ? 9.94038   4.13262   4.10678   1.000 27.84250 ? 4 DC A N3    1 
ATOM 75  C C4    . DC A 1 4 ? 10.94277  5.00422   3.94385   1.000 25.87006 ? 4 DC A C4    1 
ATOM 76  N N4    . DC A 1 4 ? 11.03971  5.64109   2.76663   1.000 31.50340 ? 4 DC A N4    1 
ATOM 77  C C5    . DC A 1 4 ? 11.88703  5.25988   4.97499   1.000 21.71458 ? 4 DC A C5    1 
ATOM 78  C C6    . DC A 1 4 ? 11.74467  4.59327   6.11773   1.000 24.36848 ? 4 DC A C6    1 
ATOM 79  P P     . DG A 1 5 ? 11.23815  -0.42283  10.32422  1.000 27.03237 ? 5 DG A P     1 
ATOM 80  O OP1   . DG A 1 5 ? 10.64097  -0.15496  11.65275  1.000 31.64620 ? 5 DG A OP1   1 
ATOM 81  O OP2   . DG A 1 5 ? 12.70742  -0.60506  10.24419  1.000 16.66481 ? 5 DG A OP2   1 
ATOM 82  O "O5'" . DG A 1 5 ? 10.53796  -1.69659  9.63335   1.000 25.54749 ? 5 DG A "O5'" 1 
ATOM 83  C "C5'" . DG A 1 5 ? 9.10617   -1.82433  9.65184   1.000 27.53927 ? 5 DG A "C5'" 1 
ATOM 84  C "C4'" . DG A 1 5 ? 8.55860   -2.36569  8.32949   1.000 25.00922 ? 5 DG A "C4'" 1 
ATOM 85  O "O4'" . DG A 1 5 ? 8.76769   -1.39570  7.27045   1.000 23.79880 ? 5 DG A "O4'" 1 
ATOM 86  C "C3'" . DG A 1 5 ? 9.18032   -3.66585  7.83091   1.000 23.82855 ? 5 DG A "C3'" 1 
ATOM 87  O "O3'" . DG A 1 5 ? 8.18317   -4.47345  7.17922   1.000 20.56304 ? 5 DG A "O3'" 1 
ATOM 88  C "C2'" . DG A 1 5 ? 10.22241  -3.16462  6.83723   1.000 29.74098 ? 5 DG A "C2'" 1 
ATOM 89  C "C1'" . DG A 1 5 ? 9.48948   -1.99021  6.21300   1.000 27.85117 ? 5 DG A "C1'" 1 
ATOM 90  N N9    . DG A 1 5 ? 10.37850  -0.97914  5.64276   1.000 30.24093 ? 5 DG A N9    1 
ATOM 91  C C8    . DG A 1 5 ? 11.48738  -0.42123  6.24245   1.000 30.49077 ? 5 DG A C8    1 
ATOM 92  N N7    . DG A 1 5 ? 12.08887  0.47309   5.50277   1.000 30.44157 ? 5 DG A N7    1 
ATOM 93  C C5    . DG A 1 5 ? 11.32571  0.52418   4.34224   1.000 28.92093 ? 5 DG A C5    1 
ATOM 94  C C6    . DG A 1 5 ? 11.49341  1.31225   3.17972   1.000 24.33181 ? 5 DG A C6    1 
ATOM 95  O O6    . DG A 1 5 ? 12.37967  2.14633   2.93533   1.000 22.98183 ? 5 DG A O6    1 
ATOM 96  N N1    . DG A 1 5 ? 10.50369  1.05067   2.23943   1.000 23.18366 ? 5 DG A N1    1 
ATOM 97  C C2    . DG A 1 5 ? 9.48256   0.14561   2.39722   1.000 24.05040 ? 5 DG A C2    1 
ATOM 98  N N2    . DG A 1 5 ? 8.63123   0.03841   1.37193   1.000 23.70146 ? 5 DG A N2    1 
ATOM 99  N N3    . DG A 1 5 ? 9.31179   -0.60774  3.48081   1.000 24.80652 ? 5 DG A N3    1 
ATOM 100 C C4    . DG A 1 5 ? 10.26760  -0.36569  4.41034   1.000 28.63711 ? 5 DG A C4    1 
ATOM 101 P P     . DC B 2 1 ? 10.39475  3.95004   -7.09464  1.000 37.40559 ? 1 DC C P     1 
ATOM 102 O OP1   . DC B 2 1 ? 10.83239  4.51784   -8.39123  1.000 33.21317 ? 1 DC C OP1   1 
ATOM 103 O OP2   . DC B 2 1 ? 9.92716   4.85243   -6.01154  1.000 29.21955 ? 1 DC C OP2   1 
ATOM 104 O "O5'" . DC B 2 1 ? 9.18168   2.92597   -7.31140  1.000 32.53120 ? 1 DC C "O5'" 1 
ATOM 105 C "C5'" . DC B 2 1 ? 9.27016   1.60608   -6.78845  1.000 33.87770 ? 1 DC C "C5'" 1 
ATOM 106 C "C4'" . DC B 2 1 ? 8.32778   1.40830   -5.60874  1.000 27.37356 ? 1 DC C "C4'" 1 
ATOM 107 O "O4'" . DC B 2 1 ? 9.07570   1.38528   -4.35712  1.000 31.28049 ? 1 DC C "O4'" 1 
ATOM 108 C "C3'" . DC B 2 1 ? 7.25804   2.47965   -5.43793  1.000 23.35213 ? 1 DC C "C3'" 1 
ATOM 109 O "O3'" . DC B 2 1 ? 6.08311   1.87166   -5.04362  1.000 23.39574 ? 1 DC C "O3'" 1 
ATOM 110 C "C2'" . DC B 2 1 ? 7.81256   3.33036   -4.30754  1.000 29.69933 ? 1 DC C "C2'" 1 
ATOM 111 C "C1'" . DC B 2 1 ? 8.46145   2.26401   -3.44387  1.000 27.86996 ? 1 DC C "C1'" 1 
ATOM 112 N N1    . DC B 2 1 ? 9.49347   2.80544   -2.51766  1.000 25.71384 ? 1 DC C N1    1 
ATOM 113 C C2    . DC B 2 1 ? 9.54603   2.35324   -1.20109  1.000 21.85714 ? 1 DC C C2    1 
ATOM 114 O O2    . DC B 2 1 ? 8.75362   1.49056   -0.82975  1.000 19.97104 ? 1 DC C O2    1 
ATOM 115 N N3    . DC B 2 1 ? 10.47918  2.86611   -0.37037  1.000 29.57766 ? 1 DC C N3    1 
ATOM 116 C C4    . DC B 2 1 ? 11.33271  3.79888   -0.80873  1.000 32.84396 ? 1 DC C C4    1 
ATOM 117 N N4    . DC B 2 1 ? 12.24942  4.28005   0.05625   1.000 30.28576 ? 1 DC C N4    1 
ATOM 118 C C5    . DC B 2 1 ? 11.28844  4.27611   -2.15159  1.000 34.66946 ? 1 DC C C5    1 
ATOM 119 C C6    . DC B 2 1 ? 10.35851  3.76121   -2.95984  1.000 28.60476 ? 1 DC C C6    1 
ATOM 120 P P     . DG B 2 2 ? 4.67994   2.59502   -5.29530  1.000 23.51073 ? 2 DG C P     1 
ATOM 121 O OP1   . DG B 2 2 ? 4.19716   2.07729   -6.59213  1.000 29.69316 ? 2 DG C OP1   1 
ATOM 122 O OP2   . DG B 2 2 ? 4.80852   4.04829   -5.06194  1.000 27.10477 ? 2 DG C OP2   1 
ATOM 123 O "O5'" . DG B 2 2 ? 3.75457   2.01139   -4.13574  1.000 31.33007 ? 2 DG C "O5'" 1 
ATOM 124 C "C5'" . DG B 2 2 ? 3.71047   0.60840   -3.92350  1.000 28.66905 ? 2 DG C "C5'" 1 
ATOM 125 C "C4'" . DG B 2 2 ? 3.33626   0.28564   -2.49506  1.000 21.03621 ? 2 DG C "C4'" 1 
ATOM 126 O "O4'" . DG B 2 2 ? 4.43255   0.60808   -1.60143  1.000 19.34057 ? 2 DG C "O4'" 1 
ATOM 127 C "C3'" . DG B 2 2 ? 2.14587   1.04817   -1.96607  1.000 20.84836 ? 2 DG C "C3'" 1 
ATOM 128 O "O3'" . DG B 2 2 ? 1.52734   0.27323   -1.00602  1.000 28.50859 ? 2 DG C "O3'" 1 
ATOM 129 C "C2'" . DG B 2 2 ? 2.78625   2.27267   -1.33517  1.000 26.39833 ? 2 DG C "C2'" 1 
ATOM 130 C "C1'" . DG B 2 2 ? 4.05371   1.67094   -0.74008  1.000 26.16883 ? 2 DG C "C1'" 1 
ATOM 131 N N9    . DG B 2 2 ? 5.16715   2.62055   -0.65405  1.000 26.36253 ? 2 DG C N9    1 
ATOM 132 C C8    . DG B 2 2 ? 5.61787   3.45906   -1.64589  1.000 23.45561 ? 2 DG C C8    1 
ATOM 133 N N7    . DG B 2 2 ? 6.62944   4.19427   -1.28508  1.000 23.51567 ? 2 DG C N7    1 
ATOM 134 C C5    . DG B 2 2 ? 6.88101   3.81018   0.02398   1.000 25.13643 ? 2 DG C C5    1 
ATOM 135 C C6    . DG B 2 2 ? 7.87505   4.25437   0.92997   1.000 24.39067 ? 2 DG C C6    1 
ATOM 136 O O6    . DG B 2 2 ? 8.75496   5.10840   0.74775   1.000 23.42172 ? 2 DG C O6    1 
ATOM 137 N N1    . DG B 2 2 ? 7.77984   3.60032   2.15795   1.000 23.64368 ? 2 DG C N1    1 
ATOM 138 C C2    . DG B 2 2 ? 6.84409   2.63321   2.46841   1.000 22.05684 ? 2 DG C C2    1 
ATOM 139 N N2    . DG B 2 2 ? 6.90164   2.11134   3.69989   1.000 19.02314 ? 2 DG C N2    1 
ATOM 140 N N3    . DG B 2 2 ? 5.90916   2.21176   1.62788   1.000 22.11518 ? 2 DG C N3    1 
ATOM 141 C C4    . DG B 2 2 ? 5.98675   2.84248   0.42930   1.000 25.10477 ? 2 DG C C4    1 
ATOM 142 P P     . DT B 2 3 ? 0.01977   0.58993   -0.58123  1.000 43.19763 ? 3 DT C P     1 
ATOM 143 O OP1   . DT B 2 3 ? -0.74688  -0.69008  -0.60789  1.000 37.27866 ? 3 DT C OP1   1 
ATOM 144 O OP2   . DT B 2 3 ? -0.39334  1.75773   -1.40669  1.000 37.40400 ? 3 DT C OP2   1 
ATOM 145 O "O5'" . DT B 2 3 ? 0.16717   1.07594   0.92888   1.000 33.51494 ? 3 DT C "O5'" 1 
ATOM 146 C "C5'" . DT B 2 3 ? 1.03127   0.38852   1.80960   1.000 27.30374 ? 3 DT C "C5'" 1 
ATOM 147 C "C4'" . DT B 2 3 ? 1.26377   1.22982   3.03354   1.000 24.05258 ? 3 DT C "C4'" 1 
ATOM 148 O "O4'" . DT B 2 3 ? 2.45937   2.00672   2.85142   1.000 25.95476 ? 3 DT C "O4'" 1 
ATOM 149 C "C3'" . DT B 2 3 ? 0.14782   2.23653   3.30160   1.000 24.01629 ? 3 DT C "C3'" 1 
ATOM 150 O "O3'" . DT B 2 3 ? -0.50177  1.91183   4.49687   1.000 30.74619 ? 3 DT C "O3'" 1 
ATOM 151 C "C2'" . DT B 2 3 ? 0.85337   3.59406   3.38749   1.000 24.22698 ? 3 DT C "C2'" 1 
ATOM 152 C "C1'" . DT B 2 3 ? 2.31566   3.20705   3.55033   1.000 21.51591 ? 3 DT C "C1'" 1 
ATOM 153 N N1    . DT B 2 3 ? 3.26295   4.19739   2.97555   1.000 20.11532 ? 3 DT C N1    1 
ATOM 154 C C2    . DT B 2 3 ? 4.24841   4.72625   3.77080   1.000 22.13634 ? 3 DT C C2    1 
ATOM 155 O O2    . DT B 2 3 ? 4.39692   4.42643   4.93871   1.000 22.55431 ? 3 DT C O2    1 
ATOM 156 N N3    . DT B 2 3 ? 5.06566   5.62594   3.14677   1.000 25.90157 ? 3 DT C N3    1 
ATOM 157 C C4    . DT B 2 3 ? 4.99421   6.04194   1.82494   1.000 27.26905 ? 3 DT C C4    1 
ATOM 158 O O4    . DT B 2 3 ? 5.77875   6.86145   1.34065   1.000 27.95226 ? 3 DT C O4    1 
ATOM 159 C C5    . DT B 2 3 ? 3.93876   5.44673   1.05471   1.000 23.90873 ? 3 DT C C5    1 
ATOM 160 C C7    . DT B 2 3 ? 3.76283   5.82272   -0.37794  1.000 30.68359 ? 3 DT C C7    1 
ATOM 161 C C6    . DT B 2 3 ? 3.13429   4.56345   1.65721   1.000 21.22339 ? 3 DT C C6    1 
ATOM 162 P P     . DG B 2 4 ? -1.98705  1.30430   4.45493   1.000 43.36286 ? 4 DG C P     1 
ATOM 163 O OP1   . DG B 2 4 ? -2.91221  2.39431   4.05848   1.000 42.20268 ? 4 DG C OP1   1 
ATOM 164 O OP2   . DG B 2 4 ? -2.17971  0.53616   5.71150   1.000 33.53021 ? 4 DG C OP2   1 
ATOM 165 O "O5'" . DG B 2 4 ? -1.95392  0.30608   3.21444   1.000 39.33716 ? 4 DG C "O5'" 1 
ATOM 166 C "C5'" . DG B 2 4 ? -3.16003  -0.12525  2.63529   1.000 36.56607 ? 4 DG C "C5'" 1 
ATOM 167 C "C4'" . DG B 2 4 ? -3.58001  -1.45021  3.22951   1.000 41.61143 ? 4 DG C "C4'" 1 
ATOM 168 O "O4'" . DG B 2 4 ? -4.65506  -1.99667  2.44339   1.000 48.65289 ? 4 DG C "O4'" 1 
ATOM 169 C "C3'" . DG B 2 4 ? -2.52600  -2.53303  3.19540   1.000 38.10058 ? 4 DG C "C3'" 1 
ATOM 170 O "O3'" . DG B 2 4 ? -2.89870  -3.56606  4.09535   1.000 41.50558 ? 4 DG C "O3'" 1 
ATOM 171 C "C2'" . DG B 2 4 ? -2.62286  -2.99401  1.74755   1.000 39.01455 ? 4 DG C "C2'" 1 
ATOM 172 C "C1'" . DG B 2 4 ? -4.12616  -2.88390  1.48469   1.000 38.82485 ? 4 DG C "C1'" 1 
ATOM 173 N N9    . DG B 2 4 ? -4.44452  -2.35012  0.17929   1.000 40.12991 ? 4 DG C N9    1 
ATOM 174 C C8    . DG B 2 4 ? -3.80736  -1.33113  -0.47984  1.000 43.53298 ? 4 DG C C8    1 
ATOM 175 N N7    . DG B 2 4 ? -4.32329  -1.07155  -1.64814  1.000 45.52533 ? 4 DG C N7    1 
ATOM 176 C C5    . DG B 2 4 ? -5.37761  -1.96610  -1.75935  1.000 45.44003 ? 4 DG C C5    1 
ATOM 177 C C6    . DG B 2 4 ? -6.30836  -2.15995  -2.81028  1.000 44.74396 ? 4 DG C C6    1 
ATOM 178 O O6    . DG B 2 4 ? -6.38475  -1.54918  -3.88271  1.000 48.01198 ? 4 DG C O6    1 
ATOM 179 N N1    . DG B 2 4 ? -7.21619  -3.18458  -2.51927  1.000 41.44404 ? 4 DG C N1    1 
ATOM 180 C C2    . DG B 2 4 ? -7.20848  -3.92171  -1.35340  1.000 42.04366 ? 4 DG C C2    1 
ATOM 181 N N2    . DG B 2 4 ? -8.14078  -4.86638  -1.22805  1.000 39.99087 ? 4 DG C N2    1 
ATOM 182 N N3    . DG B 2 4 ? -6.34049  -3.74609  -0.36785  1.000 44.99471 ? 4 DG C N3    1 
ATOM 183 C C4    . DG B 2 4 ? -5.46069  -2.75735  -0.63880  1.000 44.46295 ? 4 DG C C4    1 
ATOM 184 P P     . DG B 2 5 ? -2.06580  -4.93728  4.17113   1.000 46.01702 ? 5 DG C P     1 
ATOM 185 O OP1   . DG B 2 5 ? -2.37376  -5.56475  5.47814   1.000 49.29176 ? 5 DG C OP1   1 
ATOM 186 O OP2   . DG B 2 5 ? -0.66443  -4.62697  3.80953   1.000 40.72748 ? 5 DG C OP2   1 
ATOM 187 O "O5'" . DG B 2 5 ? -2.72260  -5.85325  3.03279   1.000 44.16025 ? 5 DG C "O5'" 1 
ATOM 188 C "C5'" . DG B 2 5 ? -4.10439  -6.19253  3.10861   1.000 42.05973 ? 5 DG C "C5'" 1 
ATOM 189 C "C4'" . DG B 2 5 ? -4.45770  -7.26441  2.09566   1.000 39.09116 ? 5 DG C "C4'" 1 
ATOM 190 O "O4'" . DG B 2 5 ? -4.88356  -6.64168  0.84893   1.000 37.18883 ? 5 DG C "O4'" 1 
ATOM 191 C "C3'" . DG B 2 5 ? -3.30519  -8.19969  1.71895   1.000 38.48977 ? 5 DG C "C3'" 1 
ATOM 192 O "O3'" . DG B 2 5 ? -3.81378  -9.48680  1.43315   1.000 44.56079 ? 5 DG C "O3'" 1 
ATOM 193 C "C2'" . DG B 2 5 ? -2.79511  -7.55004  0.45012   1.000 40.99521 ? 5 DG C "C2'" 1 
ATOM 194 C "C1'" . DG B 2 5 ? -4.12378  -7.19453  -0.19096  1.000 40.95859 ? 5 DG C "C1'" 1 
ATOM 195 N N9    . DG B 2 5 ? -4.01640  -6.24405  -1.28785  1.000 41.71985 ? 5 DG C N9    1 
ATOM 196 C C8    . DG B 2 5 ? -3.09229  -5.23632  -1.42950  1.000 44.75621 ? 5 DG C C8    1 
ATOM 197 N N7    . DG B 2 5 ? -3.22500  -4.56345  -2.54085  1.000 46.36587 ? 5 DG C N7    1 
ATOM 198 C C5    . DG B 2 5 ? -4.30204  -5.17164  -3.17479  1.000 41.48082 ? 5 DG C C5    1 
ATOM 199 C C6    . DG B 2 5 ? -4.91778  -4.87173  -4.41035  1.000 39.66021 ? 5 DG C C6    1 
ATOM 200 O O6    . DG B 2 5 ? -4.62545  -3.97904  -5.22291  1.000 39.82105 ? 5 DG C O6    1 
ATOM 201 N N1    . DG B 2 5 ? -5.97641  -5.73566  -4.67512  1.000 36.43353 ? 5 DG C N1    1 
ATOM 202 C C2    . DG B 2 5 ? -6.38678  -6.75018  -3.85034  1.000 36.88033 ? 5 DG C C2    1 
ATOM 203 N N2    . DG B 2 5 ? -7.42505  -7.47476  -4.27720  1.000 44.29416 ? 5 DG C N2    1 
ATOM 204 N N3    . DG B 2 5 ? -5.82249  -7.03749  -2.69013  1.000 36.35712 ? 5 DG C N3    1 
ATOM 205 C C4    . DG B 2 5 ? -4.79147  -6.21133  -2.41812  1.000 38.49143 ? 5 DG C C4    1 
ATOM 206 P P     . DA B 2 6 ? -3.33573  -10.77814 2.26200   1.000 47.65260 ? 6 DA C P     1 
ATOM 207 O OP1   . DA B 2 6 ? -4.13987  -10.76644 3.50903   1.000 39.39575 ? 6 DA C OP1   1 
ATOM 208 O OP2   . DA B 2 6 ? -1.85684  -10.81291 2.34557   1.000 39.05712 ? 6 DA C OP2   1 
ATOM 209 O "O5'" . DA B 2 6 ? -3.80289  -12.00175 1.33191   1.000 43.97743 ? 6 DA C "O5'" 1 
ATOM 210 C "C5'" . DA B 2 6 ? -5.19621  -12.30858 1.20553   1.000 46.89617 ? 6 DA C "C5'" 1 
ATOM 211 C "C4'" . DA B 2 6 ? -5.55870  -12.62959 -0.23284  1.000 45.58122 ? 6 DA C "C4'" 1 
ATOM 212 O "O4'" . DA B 2 6 ? -5.60387  -11.41156 -0.99577  1.000 45.97552 ? 6 DA C "O4'" 1 
ATOM 213 C "C3'" . DA B 2 6 ? -4.56473  -13.52898 -0.95121  1.000 51.85576 ? 6 DA C "C3'" 1 
ATOM 214 O "O3'" . DA B 2 6 ? -5.00879  -14.88263 -0.89296  1.000 63.40500 ? 6 DA C "O3'" 1 
ATOM 215 C "C2'" . DA B 2 6 ? -4.55974  -13.01830 -2.39845  1.000 53.09656 ? 6 DA C "C2'" 1 
ATOM 216 C "C1'" . DA B 2 6 ? -5.30797  -11.68339 -2.34809  1.000 48.34658 ? 6 DA C "C1'" 1 
ATOM 217 N N9    . DA B 2 6 ? -4.51000  -10.58428 -2.86428  1.000 42.46398 ? 6 DA C N9    1 
ATOM 218 C C8    . DA B 2 6 ? -3.44674  -10.00238 -2.24754  1.000 42.52102 ? 6 DA C C8    1 
ATOM 219 N N7    . DA B 2 6 ? -2.89911  -9.03725  -2.93640  1.000 41.27840 ? 6 DA C N7    1 
ATOM 220 C C5    . DA B 2 6 ? -3.64725  -8.98457  -4.08867  1.000 38.30185 ? 6 DA C C5    1 
ATOM 221 C C6    . DA B 2 6 ? -3.56067  -8.16566  -5.22143  1.000 41.32918 ? 6 DA C C6    1 
ATOM 222 N N6    . DA B 2 6 ? -2.63470  -7.21122  -5.35685  1.000 42.26366 ? 6 DA C N6    1 
ATOM 223 N N1    . DA B 2 6 ? -4.46185  -8.35854  -6.20824  1.000 41.01299 ? 6 DA C N1    1 
ATOM 224 C C2    . DA B 2 6 ? -5.38606  -9.31858  -6.05728  1.000 41.13685 ? 6 DA C C2    1 
ATOM 225 N N3    . DA B 2 6 ? -5.56239  -10.15804 -5.02728  1.000 40.96029 ? 6 DA C N3    1 
ATOM 226 C C4    . DA B 2 6 ? -4.64788  -9.93284  -4.06971  1.000 38.87824 ? 6 DA C C4    1 
ATOM 227 P P     . DT C 3 1 ? -4.22119  -4.94164  -16.33720 1.000 76.60102 ? 1 DT B P     1 
ATOM 228 O OP1   . DT C 3 1 ? -4.11503  -5.44615  -17.73573 1.000 55.53028 ? 1 DT B OP1   1 
ATOM 229 O OP2   . DT C 3 1 ? -4.41744  -3.49978  -16.05001 1.000 60.35333 ? 1 DT B OP2   1 
ATOM 230 O "O5'" . DT C 3 1 ? -5.39718  -5.71792  -15.57028 1.000 55.92860 ? 1 DT B "O5'" 1 
ATOM 231 C "C5'" . DT C 3 1 ? -5.28996  -7.11222  -15.32309 1.000 47.27227 ? 1 DT B "C5'" 1 
ATOM 232 C "C4'" . DT C 3 1 ? -6.15974  -7.51458  -14.14821 1.000 48.72604 ? 1 DT B "C4'" 1 
ATOM 233 O "O4'" . DT C 3 1 ? -5.35089  -7.61899  -12.94282 1.000 45.94207 ? 1 DT B "O4'" 1 
ATOM 234 C "C3'" . DT C 3 1 ? -7.29784  -6.53943  -13.79807 1.000 53.73278 ? 1 DT B "C3'" 1 
ATOM 235 O "O3'" . DT C 3 1 ? -8.48318  -7.28880  -13.50317 1.000 64.85753 ? 1 DT B "O3'" 1 
ATOM 236 C "C2'" . DT C 3 1 ? -6.76167  -5.85465  -12.54338 1.000 44.56420 ? 1 DT B "C2'" 1 
ATOM 237 C "C1'" . DT C 3 1 ? -6.07254  -7.03318  -11.89204 1.000 39.75219 ? 1 DT B "C1'" 1 
ATOM 238 N N1    . DT C 3 1 ? -5.14453  -6.67400  -10.79429 1.000 41.02142 ? 1 DT B N1    1 
ATOM 239 C C2    . DT C 3 1 ? -5.07360  -7.48553  -9.67277  1.000 44.42104 ? 1 DT B C2    1 
ATOM 240 O O2    . DT C 3 1 ? -5.72917  -8.51112  -9.53365  1.000 41.63537 ? 1 DT B O2    1 
ATOM 241 N N3    . DT C 3 1 ? -4.19224  -7.05852  -8.71587  1.000 41.37436 ? 1 DT B N3    1 
ATOM 242 C C4    . DT C 3 1 ? -3.39307  -5.92572  -8.76616  1.000 35.66334 ? 1 DT B C4    1 
ATOM 243 O O4    . DT C 3 1 ? -2.62993  -5.62488  -7.86164  1.000 30.57994 ? 1 DT B O4    1 
ATOM 244 C C5    . DT C 3 1 ? -3.52438  -5.12209  -9.95677  1.000 37.25494 ? 1 DT B C5    1 
ATOM 245 C C7    . DT C 3 1 ? -2.71355  -3.87367  -10.11186 1.000 35.83270 ? 1 DT B C7    1 
ATOM 246 C C6    . DT C 3 1 ? -4.38280  -5.52893  -10.90273 1.000 40.68334 ? 1 DT B C6    1 
ATOM 247 P P     . DC C 3 2 ? -9.94977  -6.61814  -13.55447 1.000 66.30813 ? 2 DC B P     1 
ATOM 248 O OP1   . DC C 3 2 ? -10.26193 -6.38861  -14.98786 1.000 54.96003 ? 2 DC B OP1   1 
ATOM 249 O OP2   . DC C 3 2 ? -10.03509 -5.51073  -12.56580 1.000 45.88923 ? 2 DC B OP2   1 
ATOM 250 O "O5'" . DC C 3 2 ? -10.90109 -7.78632  -13.01146 1.000 50.90070 ? 2 DC B "O5'" 1 
ATOM 251 C "C5'" . DC C 3 2 ? -10.33146 -8.92354  -12.35234 1.000 51.11777 ? 2 DC B "C5'" 1 
ATOM 252 C "C4'" . DC C 3 2 ? -10.55898 -8.84843  -10.85158 1.000 57.53942 ? 2 DC B "C4'" 1 
ATOM 253 O "O4'" . DC C 3 2 ? -9.39937  -8.26137  -10.19872 1.000 62.13579 ? 2 DC B "O4'" 1 
ATOM 254 C "C3'" . DC C 3 2 ? -11.76451 -8.00020  -10.43065 1.000 62.34196 ? 2 DC B "C3'" 1 
ATOM 255 O "O3'" . DC C 3 2 ? -12.73056 -8.81235  -9.75478  1.000 61.63569 ? 2 DC B "O3'" 1 
ATOM 256 C "C2'" . DC C 3 2 ? -11.17148 -6.91538  -9.51364  1.000 64.42215 ? 2 DC B "C2'" 1 
ATOM 257 C "C1'" . DC C 3 2 ? -9.83727  -7.51094  -9.09263  1.000 56.00835 ? 2 DC B "C1'" 1 
ATOM 258 N N1    . DC C 3 2 ? -8.81746  -6.46989  -8.76725  1.000 43.61943 ? 2 DC B N1    1 
ATOM 259 C C2    . DC C 3 2 ? -8.17435  -6.49888  -7.53303  1.000 40.14228 ? 2 DC B C2    1 
ATOM 260 O O2    . DC C 3 2 ? -8.44689  -7.39836  -6.73941  1.000 44.44624 ? 2 DC B O2    1 
ATOM 261 N N3    . DC C 3 2 ? -7.26090  -5.54132  -7.24606  1.000 39.56828 ? 2 DC B N3    1 
ATOM 262 C C4    . DC C 3 2 ? -7.00173  -4.57828  -8.13148  1.000 39.71990 ? 2 DC B C4    1 
ATOM 263 N N4    . DC C 3 2 ? -6.09421  -3.64809  -7.80613  1.000 35.77555 ? 2 DC B N4    1 
ATOM 264 C C5    . DC C 3 2 ? -7.65932  -4.52840  -9.39253  1.000 44.82776 ? 2 DC B C5    1 
ATOM 265 C C6    . DC C 3 2 ? -8.55529  -5.48087  -9.66325  1.000 43.61146 ? 2 DC B C6    1 
ATOM 266 P P     . DC C 3 3 ? -13.94072 -8.14213  -8.92798  1.000 65.16989 ? 3 DC B P     1 
ATOM 267 O OP1   . DC C 3 3 ? -14.99186 -9.18019  -8.81331  1.000 64.14284 ? 3 DC B OP1   1 
ATOM 268 O OP2   . DC C 3 3 ? -14.29554 -6.80594  -9.46699  1.000 44.72110 ? 3 DC B OP2   1 
ATOM 269 O "O5'" . DC C 3 3 ? -13.29240 -7.87176  -7.50104  1.000 57.28401 ? 3 DC B "O5'" 1 
ATOM 270 C "C5'" . DC C 3 3 ? -12.49772 -8.86635  -6.86744  1.000 57.15153 ? 3 DC B "C5'" 1 
ATOM 271 C "C4'" . DC C 3 3 ? -12.46942 -8.60116  -5.38451  1.000 54.50175 ? 3 DC B "C4'" 1 
ATOM 272 O "O4'" . DC C 3 3 ? -11.36452 -7.70768  -5.07793  1.000 50.74213 ? 3 DC B "O4'" 1 
ATOM 273 C "C3'" . DC C 3 3 ? -13.72386 -7.90307  -4.87570  1.000 56.26336 ? 3 DC B "C3'" 1 
ATOM 274 O "O3'" . DC C 3 3 ? -14.06038 -8.37209  -3.59102  1.000 54.14829 ? 3 DC B "O3'" 1 
ATOM 275 C "C2'" . DC C 3 3 ? -13.31515 -6.42744  -4.85667  1.000 58.44292 ? 3 DC B "C2'" 1 
ATOM 276 C "C1'" . DC C 3 3 ? -11.85490 -6.53183  -4.46798  1.000 47.99314 ? 3 DC B "C1'" 1 
ATOM 277 N N1    . DC C 3 3 ? -11.02992 -5.39705  -4.91822  1.000 39.89749 ? 3 DC B N1    1 
ATOM 278 C C2    . DC C 3 3 ? -10.13454 -4.83950  -4.02607  1.000 42.26706 ? 3 DC B C2    1 
ATOM 279 O O2    . DC C 3 3 ? -10.08792 -5.30983  -2.89174  1.000 45.55816 ? 3 DC B O2    1 
ATOM 280 N N3    . DC C 3 3 ? -9.35685  -3.80037  -4.42073  1.000 47.58641 ? 3 DC B N3    1 
ATOM 281 C C4    . DC C 3 3 ? -9.46991  -3.33218  -5.67747  1.000 51.48519 ? 3 DC B C4    1 
ATOM 282 N N4    . DC C 3 3 ? -8.68865  -2.30163  -6.05010  1.000 48.32869 ? 3 DC B N4    1 
ATOM 283 C C5    . DC C 3 3 ? -10.38831 -3.90440  -6.60777  1.000 50.00190 ? 3 DC B C5    1 
ATOM 284 C C6    . DC C 3 3 ? -11.14108 -4.92629  -6.18677  1.000 45.85981 ? 3 DC B C6    1 
ATOM 285 P P     . DG C 3 4 ? -15.54185 -8.13164  -3.01507  1.000 65.93491 ? 4 DG B P     1 
ATOM 286 O OP1   . DG C 3 4 ? -16.42370 -9.07245  -3.74273  1.000 74.06972 ? 4 DG B OP1   1 
ATOM 287 O OP2   . DG C 3 4 ? -15.86579 -6.68384  -3.03576  1.000 49.16407 ? 4 DG B OP2   1 
ATOM 288 O "O5'" . DG C 3 4 ? -15.40869 -8.57038  -1.48595  1.000 59.58773 ? 4 DG B "O5'" 1 
ATOM 289 C "C5'" . DG C 3 4 ? -14.13058 -8.56545  -0.87561  1.000 53.59979 ? 4 DG B "C5'" 1 
ATOM 290 C "C4'" . DG C 3 4 ? -14.11363 -7.68748  0.36402   1.000 50.29185 ? 4 DG B "C4'" 1 
ATOM 291 O "O4'" . DG C 3 4 ? -13.22211 -6.56271  0.17167   1.000 50.76107 ? 4 DG B "O4'" 1 
ATOM 292 C "C3'" . DG C 3 4 ? -15.43797 -7.06395  0.76145   1.000 52.85842 ? 4 DG B "C3'" 1 
ATOM 293 O "O3'" . DG C 3 4 ? -15.39173 -6.83614  2.16068   1.000 58.76905 ? 4 DG B "O3'" 1 
ATOM 294 C "C2'" . DG C 3 4 ? -15.41626 -5.75825  -0.02659  1.000 48.85440 ? 4 DG B "C2'" 1 
ATOM 295 C "C1'" . DG C 3 4 ? -13.97036 -5.35470  0.17803   1.000 51.43645 ? 4 DG B "C1'" 1 
ATOM 296 N N9    . DG C 3 4 ? -13.41929 -4.47466  -0.85146  1.000 55.06252 ? 4 DG B N9    1 
ATOM 297 C C8    . DG C 3 4 ? -13.81613 -4.34699  -2.16698  1.000 49.06814 ? 4 DG B C8    1 
ATOM 298 N N7    . DG C 3 4 ? -13.09383 -3.49168  -2.84229  1.000 42.68040 ? 4 DG B N7    1 
ATOM 299 C C5    . DG C 3 4 ? -12.16001 -3.03356  -1.91442  1.000 44.05025 ? 4 DG B C5    1 
ATOM 300 C C6    . DG C 3 4 ? -11.11544 -2.09607  -2.05318  1.000 44.20441 ? 4 DG B C6    1 
ATOM 301 O O6    . DG C 3 4 ? -10.79077 -1.45790  -3.05897  1.000 48.59719 ? 4 DG B O6    1 
ATOM 302 N N1    . DG C 3 4 ? -10.41087 -1.92631  -0.86361  1.000 43.12240 ? 4 DG B N1    1 
ATOM 303 C C2    . DG C 3 4 ? -10.68052 -2.58617  0.31342   1.000 45.14969 ? 4 DG B C2    1 
ATOM 304 N N2    . DG C 3 4 ? -9.89235  -2.29905  1.36024   1.000 48.53408 ? 4 DG B N2    1 
ATOM 305 N N3    . DG C 3 4 ? -11.65093 -3.46256  0.45664   1.000 47.62972 ? 4 DG B N3    1 
ATOM 306 C C4    . DG C 3 4 ? -12.34849 -3.63462  -0.69261  1.000 49.06509 ? 4 DG B C4    1 
ATOM 307 P P     . DC C 3 5 ? -16.44681 -5.88683  2.90866   1.000 56.95913 ? 5 DC B P     1 
ATOM 308 O OP1   . DC C 3 5 ? -16.35606 -6.30187  4.33148   1.000 49.81705 ? 5 DC B OP1   1 
ATOM 309 O OP2   . DC C 3 5 ? -17.74489 -5.85466  2.19300   1.000 47.77899 ? 5 DC B OP2   1 
ATOM 310 O "O5'" . DC C 3 5 ? -15.78295 -4.45707  2.79844   1.000 49.86037 ? 5 DC B "O5'" 1 
ATOM 311 C "C5'" . DC C 3 5 ? -14.55327 -4.22506  3.43896   1.000 54.75211 ? 5 DC B "C5'" 1 
ATOM 312 C "C4'" . DC C 3 5 ? -14.54030 -2.82660  3.96836   1.000 56.14265 ? 5 DC B "C4'" 1 
ATOM 313 O "O4'" . DC C 3 5 ? -13.79907 -1.97941  3.05266   1.000 56.27592 ? 5 DC B "O4'" 1 
ATOM 314 C "C3'" . DC C 3 5 ? -15.93605 -2.21627  4.08269   1.000 50.71837 ? 5 DC B "C3'" 1 
ATOM 315 O "O3'" . DC C 3 5 ? -16.00392 -1.37732  5.21788   1.000 63.79687 ? 5 DC B "O3'" 1 
ATOM 316 C "C2'" . DC C 3 5 ? -16.06750 -1.42297  2.79005   1.000 52.90650 ? 5 DC B "C2'" 1 
ATOM 317 C "C1'" . DC C 3 5 ? -14.63724 -0.94336  2.59023   1.000 51.07480 ? 5 DC B "C1'" 1 
ATOM 318 N N1    . DC C 3 5 ? -14.31093 -0.66614  1.18921   1.000 41.18339 ? 5 DC B N1    1 
ATOM 319 C C2    . DC C 3 5 ? -13.16683 0.05766   0.89049   1.000 42.11038 ? 5 DC B C2    1 
ATOM 320 O O2    . DC C 3 5 ? -12.44700 0.44513   1.81763   1.000 42.64789 ? 5 DC B O2    1 
ATOM 321 N N3    . DC C 3 5 ? -12.87430 0.31369   -0.40661  1.000 44.86820 ? 5 DC B N3    1 
ATOM 322 C C4    . DC C 3 5 ? -13.68278 -0.12926  -1.37041  1.000 49.05538 ? 5 DC B C4    1 
ATOM 323 N N4    . DC C 3 5 ? -13.35607 0.14268   -2.63853  1.000 49.79030 ? 5 DC B N4    1 
ATOM 324 C C5    . DC C 3 5 ? -14.85870 -0.87520  -1.07836  1.000 50.17949 ? 5 DC B C5    1 
ATOM 325 C C6    . DC C 3 5 ? -15.13131 -1.11623  0.20408   1.000 44.62941 ? 5 DC B C6    1 
# 
loop_
_atom_site_anisotrop.id 
_atom_site_anisotrop.type_symbol 
_atom_site_anisotrop.pdbx_label_atom_id 
_atom_site_anisotrop.pdbx_label_alt_id 
_atom_site_anisotrop.pdbx_label_comp_id 
_atom_site_anisotrop.pdbx_label_asym_id 
_atom_site_anisotrop.pdbx_label_seq_id 
_atom_site_anisotrop.pdbx_PDB_ins_code 
_atom_site_anisotrop.U[1][1] 
_atom_site_anisotrop.U[2][2] 
_atom_site_anisotrop.U[3][3] 
_atom_site_anisotrop.U[1][2] 
_atom_site_anisotrop.U[1][3] 
_atom_site_anisotrop.U[2][3] 
_atom_site_anisotrop.pdbx_auth_seq_id 
_atom_site_anisotrop.pdbx_auth_comp_id 
_atom_site_anisotrop.pdbx_auth_asym_id 
_atom_site_anisotrop.pdbx_auth_atom_id 
1   O "O5'" . DC A 1 ? 0.41417 0.42247 0.33813 -0.04514 -0.07106 0.09627  1 DC A "O5'" 
2   C "C5'" . DC A 1 ? 0.33547 0.32258 0.23963 -0.03912 -0.07180 0.09324  1 DC A "C5'" 
3   C "C4'" . DC A 1 ? 0.27282 0.23188 0.15903 -0.04187 -0.07504 0.08787  1 DC A "C4'" 
4   O "O4'" . DC A 1 ? 0.27508 0.22553 0.14643 -0.03027 -0.06781 0.08155  1 DC A "O4'" 
5   C "C3'" . DC A 1 ? 0.28924 0.24984 0.17946 -0.04541 -0.07384 0.08463  1 DC A "C3'" 
6   O "O3'" . DC A 1 ? 0.32713 0.28614 0.22539 -0.05828 -0.08325 0.09023  1 DC A "O3'" 
7   C "C2'" . DC A 1 ? 0.32988 0.26386 0.19882 -0.04242 -0.07263 0.07711  1 DC A "C2'" 
8   C "C1'" . DC A 1 ? 0.30174 0.23796 0.16356 -0.03090 -0.06587 0.07512  1 DC A "C1'" 
9   N N1    . DC A 1 ? 0.30029 0.25333 0.16514 -0.01948 -0.05448 0.07003  1 DC A N1    
10  C C2    . DC A 1 ? 0.32048 0.26182 0.17539 -0.01774 -0.04994 0.06359  1 DC A C2    
11  O O2    . DC A 1 ? 0.29889 0.21263 0.14044 -0.02509 -0.05547 0.06111  1 DC A O2    
12  N N3    . DC A 1 ? 0.33073 0.28935 0.18948 -0.00846 -0.04008 0.05934  1 DC A N3    
13  C C4    . DC A 1 ? 0.25179 0.23189 0.11948 -0.00045 -0.03602 0.05920  1 DC A C4    
14  N N4    . DC A 1 ? 0.21492 0.20215 0.08089 0.00718  -0.02855 0.05231  1 DC A N4    
15  C C5    . DC A 1 ? 0.30719 0.29521 0.18350 -0.00310 -0.04126 0.06455  1 DC A C5    
16  C C6    . DC A 1 ? 0.35420 0.33126 0.23019 -0.01200 -0.04945 0.07078  1 DC A C6    
17  P P     . DG A 2 ? 0.34535 0.29936 0.24363 -0.06325 -0.08494 0.08802  2 DG A P     
18  O OP1   . DG A 2 ? 0.44533 0.40936 0.35880 -0.07495 -0.09337 0.09654  2 DG A OP1   
19  O OP2   . DG A 2 ? 0.34619 0.31456 0.24839 -0.05365 -0.07376 0.08300  2 DG A OP2   
20  O "O5'" . DG A 2 ? 0.38734 0.30466 0.26035 -0.06561 -0.09035 0.08169  2 DG A "O5'" 
21  C "C5'" . DG A 2 ? 0.42425 0.32636 0.28935 -0.07060 -0.09441 0.07888  2 DG A "C5'" 
22  C "C4'" . DG A 2 ? 0.37147 0.26373 0.22368 -0.06164 -0.08512 0.07014  2 DG A "C4'" 
23  O "O4'" . DG A 2 ? 0.35595 0.26075 0.21030 -0.05096 -0.07474 0.06766  2 DG A "O4'" 
24  C "C3'" . DG A 2 ? 0.38192 0.28800 0.24274 -0.05939 -0.07997 0.06984  2 DG A "C3'" 
25  O "O3'" . DG A 2 ? 0.43011 0.31717 0.28091 -0.06590 -0.08723 0.06903  2 DG A "O3'" 
26  C "C2'" . DG A 2 ? 0.39131 0.29718 0.24496 -0.04868 -0.06789 0.06253  2 DG A "C2'" 
27  C "C1'" . DG A 2 ? 0.39795 0.30440 0.24876 -0.04391 -0.06525 0.06173  2 DG A "C1'" 
28  N N9    . DG A 2 ? 0.39671 0.33063 0.26023 -0.03448 -0.05527 0.06183  2 DG A N9    
29  C C8    . DG A 2 ? 0.37678 0.33421 0.25556 -0.03253 -0.05478 0.06678  2 DG A C8    
30  N N7    . DG A 2 ? 0.35319 0.32875 0.23769 -0.02342 -0.04590 0.06378  2 DG A N7    
31  C C5    . DG A 2 ? 0.32076 0.28671 0.19475 -0.01929 -0.03969 0.05745  2 DG A C5    
32  C C6    . DG A 2 ? 0.30681 0.28376 0.18078 -0.01063 -0.02989 0.05183  2 DG A C6    
33  O O6    . DG A 2 ? 0.27742 0.27000 0.15805 -0.00534 -0.02601 0.04962  2 DG A O6    
34  N N1    . DG A 2 ? 0.32734 0.29016 0.19112 -0.01172 -0.02605 0.04722  2 DG A N1    
35  C C2    . DG A 2 ? 0.34131 0.27544 0.19207 -0.01929 -0.03157 0.04621  2 DG A C2    
36  N N2    . DG A 2 ? 0.41518 0.33141 0.25383 -0.01952 -0.02650 0.03963  2 DG A N2    
37  N N3    . DG A 2 ? 0.32032 0.24129 0.16820 -0.02625 -0.04160 0.05018  2 DG A N3    
38  C C4    . DG A 2 ? 0.33337 0.27334 0.19468 -0.02630 -0.04503 0.05629  2 DG A C4    
39  P P     . DA A 3 ? 0.45781 0.35882 0.31825 -0.06551 -0.08518 0.07156  3 DA A P     
40  O OP1   . DA A 3 ? 0.77909 0.65900 0.62865 -0.07390 -0.09614 0.07263  3 DA A OP1   
41  O OP2   . DA A 3 ? 0.47611 0.41072 0.36105 -0.06501 -0.08235 0.07864  3 DA A OP2   
42  O "O5'" . DA A 3 ? 0.35946 0.25571 0.20992 -0.05533 -0.07312 0.06350  3 DA A "O5'" 
43  C "C5'" . DA A 3 ? 0.44923 0.31433 0.27639 -0.05416 -0.07231 0.05535  3 DA A "C5'" 
44  C "C4'" . DA A 3 ? 0.43602 0.30032 0.25790 -0.04635 -0.06065 0.04932  3 DA A "C4'" 
45  O "O4'" . DA A 3 ? 0.46026 0.34434 0.29210 -0.03936 -0.05085 0.04819  3 DA A "O4'" 
46  C "C3'" . DA A 3 ? 0.45977 0.33832 0.29033 -0.04477 -0.05816 0.05247  3 DA A "C3'" 
47  O "O3'" . DA A 3 ? 0.44263 0.30319 0.25811 -0.04113 -0.05162 0.04574  3 DA A "O3'" 
48  C "C2'" . DA A 3 ? 0.47365 0.38578 0.32477 -0.03923 -0.05067 0.05578  3 DA A "C2'" 
49  C "C1'" . DA A 3 ? 0.46208 0.37104 0.30811 -0.03471 -0.04380 0.05019  3 DA A "C1'" 
50  N N9    . DA A 3 ? 0.39940 0.33611 0.26183 -0.03035 -0.03999 0.05304  3 DA A N9    
51  C C8    . DA A 3 ? 0.36767 0.31921 0.24311 -0.03341 -0.04587 0.05921  3 DA A C8    
52  N N7    . DA A 3 ? 0.33919 0.31165 0.22549 -0.02809 -0.04062 0.05924  3 DA A N7    
53  C C5    . DA A 3 ? 0.34183 0.31426 0.22198 -0.02082 -0.03098 0.05276  3 DA A C5    
54  C C6    . DA A 3 ? 0.35753 0.34495 0.24204 -0.01367 -0.02303 0.04849  3 DA A C6    
55  N N6    . DA A 3 ? 0.39357 0.39936 0.29084 -0.01367 -0.02407 0.05000  3 DA A N6    
56  N N1    . DA A 3 ? 0.31059 0.29443 0.18784 -0.00924 -0.01458 0.04242  3 DA A N1    
57  C C2    . DA A 3 ? 0.38293 0.34924 0.25048 -0.01340 -0.01419 0.04087  3 DA A C2    
58  N N3    . DA A 3 ? 0.41156 0.35740 0.27108 -0.01977 -0.02169 0.04325  3 DA A N3    
59  C C4    . DA A 3 ? 0.35708 0.30881 0.22396 -0.02285 -0.03008 0.04943  3 DA A C4    
60  P P     . DC A 4 ? 0.51824 0.37793 0.33165 -0.04020 -0.05141 0.04772  4 DC A P     
61  O OP1   . DC A 4 ? 0.55300 0.37987 0.34479 -0.04460 -0.05925 0.04438  4 DC A OP1   
62  O OP2   . DC A 4 ? 0.42503 0.31496 0.25958 -0.04023 -0.05384 0.05686  4 DC A OP2   
63  O "O5'" . DC A 4 ? 0.44639 0.30620 0.25646 -0.03327 -0.03755 0.04145  4 DC A "O5'" 
64  C "C5'" . DC A 4 ? 0.41392 0.28153 0.22857 -0.03032 -0.02980 0.03750  4 DC A "C5'" 
65  C "C4'" . DC A 4 ? 0.43247 0.32802 0.26289 -0.02538 -0.02072 0.03899  4 DC A "C4'" 
66  O "O4'" . DC A 4 ? 0.41304 0.33640 0.26063 -0.02338 -0.02080 0.04285  4 DC A "O4'" 
67  C "C3'" . DC A 4 ? 0.39476 0.30395 0.23277 -0.02355 -0.02122 0.04484  4 DC A "C3'" 
68  O "O3'" . DC A 4 ? 0.35144 0.26338 0.18894 -0.01991 -0.01065 0.04070  4 DC A "O3'" 
69  C "C2'" . DC A 4 ? 0.41135 0.35041 0.26909 -0.02201 -0.02448 0.05196  4 DC A "C2'" 
70  C "C1'" . DC A 4 ? 0.41789 0.36563 0.27954 -0.01951 -0.01845 0.04744  4 DC A "C1'" 
71  N N1    . DC A 4 ? 0.37091 0.33939 0.24669 -0.01821 -0.02103 0.05082  4 DC A N1    
72  C C2    . DC A 4 ? 0.36477 0.34721 0.24625 -0.01322 -0.01387 0.04679  4 DC A C2    
73  O O2    . DC A 4 ? 0.36633 0.34711 0.24295 -0.00993 -0.00521 0.04135  4 DC A O2    
74  N N3    . DC A 4 ? 0.38803 0.38721 0.28265 -0.01499 -0.01731 0.04877  4 DC A N3    
75  C C4    . DC A 4 ? 0.35778 0.36324 0.26193 -0.02072 -0.02606 0.05575  4 DC A C4    
76  N N4    . DC A 4 ? 0.41579 0.44370 0.33750 -0.02307 -0.02779 0.05898  4 DC A N4    
77  C C5    . DC A 4 ? 0.31207 0.30302 0.20996 -0.02545 -0.03317 0.06004  4 DC A C5    
78  C C6    . DC A 4 ? 0.35693 0.32898 0.23997 -0.02381 -0.03081 0.05699  4 DC A C6    
79  P P     . DG A 5 ? 0.43680 0.32927 0.26104 -0.01895 -0.00743 0.03871  5 DG A P     
80  O OP1   . DG A 5 ? 0.51553 0.36982 0.31705 -0.02098 -0.00709 0.03047  5 DG A OP1   
81  O OP2   . DG A 5 ? 0.29868 0.20454 0.12996 -0.01771 -0.01412 0.04844  5 DG A OP2   
82  O "O5'" . DG A 5 ? 0.41287 0.31528 0.24255 -0.01599 0.00486  0.03407  5 DG A "O5'" 
83  C "C5'" . DG A 5 ? 0.44363 0.33418 0.26856 -0.01686 0.01377  0.02441  5 DG A "C5'" 
84  C "C4'" . DG A 5 ? 0.39616 0.31618 0.23790 -0.01563 0.02033  0.02318  5 DG A "C4'" 
85  O "O4'" . DG A 5 ? 0.36504 0.31651 0.22270 -0.01389 0.01402  0.02981  5 DG A "O4'" 
86  C "C3'" . DG A 5 ? 0.37549 0.30718 0.22270 -0.01345 0.02474  0.02477  5 DG A "C3'" 
87  O "O3'" . DG A 5 ? 0.33006 0.26817 0.18306 -0.01409 0.03465  0.01675  5 DG A "O3'" 
88  C "C2'" . DG A 5 ? 0.43327 0.39975 0.29701 -0.01008 0.01696  0.03616  5 DG A "C2'" 
89  C "C1'" . DG A 5 ? 0.40279 0.38153 0.27390 -0.00893 0.01483  0.03543  5 DG A "C1'" 
90  N N9    . DG A 5 ? 0.42950 0.41436 0.30516 -0.00377 0.00753  0.04288  5 DG A N9    
91  C C8    . DG A 5 ? 0.43637 0.41292 0.30922 -0.00618 -0.00138 0.04911  5 DG A C8    
92  N N7    . DG A 5 ? 0.43102 0.41417 0.31145 -0.00883 -0.00910 0.05212  5 DG A N7    
93  C C5    . DG A 5 ? 0.40474 0.40062 0.29350 -0.00940 -0.00574 0.04768  5 DG A C5    
94  C C6    . DG A 5 ? 0.33114 0.35257 0.24080 -0.01413 -0.01095 0.05044  5 DG A C6    
95  O O6    . DG A 5 ? 0.30565 0.33935 0.22821 -0.01840 -0.01851 0.05750  5 DG A O6    
96  N N1    . DG A 5 ? 0.30824 0.34572 0.22691 -0.01324 -0.00529 0.04486  5 DG A N1    
97  C C2    . DG A 5 ? 0.32676 0.35302 0.23403 -0.01090 0.00375  0.03667  5 DG A C2    
98  N N2    . DG A 5 ? 0.30991 0.35897 0.23167 -0.01103 0.00698  0.03165  5 DG A N2    
99  N N3    . DG A 5 ? 0.35224 0.35142 0.23886 -0.00686 0.01028  0.03419  5 DG A N3    
100 C C4    . DG A 5 ? 0.40593 0.39553 0.28663 -0.00493 0.00505  0.04080  5 DG A C4    
101 P P     . DC B 1 ? 0.40526 0.58625 0.42973 0.00064  0.00308  0.04854  1 DC C P     
102 O OP1   . DC B 1 ? 0.34963 0.53567 0.37665 0.00211  0.00532  0.05129  1 DC C OP1   
103 O OP2   . DC B 1 ? 0.30187 0.48400 0.32434 -0.00290 0.00105  0.05217  1 DC C OP2   
104 O "O5'" . DC B 1 ? 0.34600 0.52229 0.36775 0.00454  0.00261  0.03735  1 DC C "O5'" 
105 C "C5'" . DC B 1 ? 0.36450 0.53867 0.38403 0.00479  0.00078  0.03451  1 DC C "C5'" 
106 C "C4'" . DC B 1 ? 0.28412 0.45801 0.29795 0.00303  -0.00025 0.03121  1 DC C "C4'" 
107 O "O4'" . DC B 1 ? 0.33406 0.50776 0.34670 -0.00071 -0.00035 0.03768  1 DC C "O4'" 
108 C "C3'" . DC B 1 ? 0.23335 0.40805 0.24586 0.00293  -0.00002 0.02913  1 DC C "C3'" 
109 O "O3'" . DC B 1 ? 0.23458 0.41208 0.24228 0.00268  -0.00074 0.02151  1 DC C "O3'" 
110 C "C2'" . DC B 1 ? 0.31378 0.48908 0.32559 -0.00129 -0.00015 0.03735  1 DC C "C2'" 
111 C "C1'" . DC B 1 ? 0.29159 0.46590 0.30143 -0.00391 -0.00090 0.03920  1 DC C "C1'" 
112 N N1    . DC B 1 ? 0.27157 0.43107 0.27437 -0.00937 -0.00333 0.04781  1 DC C N1    
113 C C2    . DC B 1 ? 0.24204 0.36702 0.22141 -0.01148 -0.00459 0.04562  1 DC C C2    
114 O O2    . DC B 1 ? 0.22638 0.33868 0.19374 -0.00993 -0.00068 0.03783  1 DC C O2    
115 N N3    . DC B 1 ? 0.34951 0.45515 0.31916 -0.01548 -0.00964 0.05201  1 DC C N3    
116 C C4    . DC B 1 ? 0.38232 0.50083 0.36476 -0.01907 -0.01362 0.06037  1 DC C C4    
117 N N4    . DC B 1 ? 0.35906 0.45897 0.33269 -0.02383 -0.02038 0.06601  1 DC C N4    
118 C C5    . DC B 1 ? 0.38751 0.53821 0.39157 -0.01806 -0.01033 0.06338  1 DC C C5    
119 C C6    . DC B 1 ? 0.30100 0.47152 0.31433 -0.01248 -0.00471 0.05684  1 DC C C6    
120 P P     . DG B 2 ? 0.23516 0.41623 0.24192 0.00426  -0.00099 0.01595  2 DG C P     
121 O OP1   . DG B 2 ? 0.31190 0.49678 0.31952 0.00633  -0.00265 0.01062  2 DG C OP1   
122 O OP2   . DG B 2 ? 0.28053 0.46052 0.28881 0.00508  0.00011  0.02201  2 DG C OP2   
123 O "O5'" . DG B 2 ? 0.33402 0.52103 0.33534 0.00050  -0.00028 0.00918  2 DG C "O5'" 
124 C "C5'" . DG B 2 ? 0.30409 0.48619 0.29902 -0.00345 0.00240  0.00269  2 DG C "C5'" 
125 C "C4'" . DG B 2 ? 0.22657 0.37160 0.20110 -0.00795 0.01186  -0.00102 2 DG C "C4'" 
126 O "O4'" . DG B 2 ? 0.21581 0.33928 0.17976 -0.00806 0.01190  0.00784  2 DG C "O4'" 
127 C "C3'" . DG B 2 ? 0.22919 0.36559 0.19737 -0.00826 0.01500  -0.00536 2 DG C "C3'" 
128 O "O3'" . DG B 2 ? 0.33979 0.44978 0.29362 -0.01200 0.02494  -0.01203 2 DG C "O3'" 
129 C "C2'" . DG B 2 ? 0.30658 0.42934 0.26709 -0.00617 0.01212  0.00429  2 DG C "C2'" 
130 C "C1'" . DG B 2 ? 0.31302 0.41702 0.26425 -0.00818 0.01254  0.00985  2 DG C "C1'" 
131 N N9    . DG B 2 ? 0.31526 0.41830 0.26810 -0.00763 0.00618  0.02030  2 DG C N9    
132 C C8    . DG B 2 ? 0.26247 0.39340 0.23534 -0.00545 0.00151  0.02639  2 DG C C8    
133 N N7    . DG B 2 ? 0.26822 0.38814 0.23711 -0.00782 -0.00224 0.03480  2 DG C N7    
134 C C5    . DG B 2 ? 0.30842 0.39289 0.25376 -0.01034 -0.00239 0.03416  2 DG C C5    
135 C C6    . DG B 2 ? 0.31119 0.37203 0.24352 -0.01290 -0.00787 0.04040  2 DG C C6    
136 O O6    . DG B 2 ? 0.29480 0.36070 0.23442 -0.01548 -0.01393 0.04781  2 DG C O6    
137 N N1    . DG B 2 ? 0.31956 0.34955 0.22924 -0.01184 -0.00514 0.03718  2 DG C N1    
138 C C2    . DG B 2 ? 0.30606 0.32626 0.20573 -0.00980 0.00373  0.02937  2 DG C C2    
139 N N2    . DG B 2 ? 0.28071 0.27837 0.16371 -0.00562 0.00766  0.02905  2 DG C N2    
140 N N3    . DG B 2 ? 0.29626 0.33622 0.20780 -0.01016 0.00890  0.02294  2 DG C N3    
141 C C4    . DG B 2 ? 0.31536 0.38849 0.25001 -0.00973 0.00429  0.02566  2 DG C C4    
142 P P     . DT B 3 ? 0.52849 0.63370 0.47911 -0.01283 0.03060  -0.01983 3 DT C P     
143 O OP1   . DT B 3 ? 0.45225 0.55771 0.40647 -0.01782 0.03790  -0.03022 3 DT C OP1   
144 O OP2   . DT B 3 ? 0.44249 0.57372 0.40497 -0.00890 0.02271  -0.01833 3 DT C OP2   
145 O "O5'" . DT B 3 ? 0.42634 0.49372 0.35335 -0.01089 0.03577  -0.01484 3 DT C "O5'" 
146 C "C5'" . DT B 3 ? 0.36055 0.40345 0.27342 -0.01025 0.03882  -0.01075 3 DT C "C5'" 
147 C "C4'" . DT B 3 ? 0.33399 0.35251 0.22741 -0.00488 0.03744  -0.00439 3 DT C "C4'" 
148 O "O4'" . DT B 3 ? 0.36088 0.37506 0.25021 -0.00482 0.02879  0.00435  3 DT C "O4'" 
149 C "C3'" . DT B 3 ? 0.33590 0.35206 0.22455 -0.00194 0.03874  -0.00677 3 DT C "C3'" 
150 O "O3'" . DT B 3 ? 0.42434 0.43514 0.30874 -0.00253 0.04269  -0.01103 3 DT C "O3'" 
151 C "C2'" . DT B 3 ? 0.34549 0.35096 0.22406 0.00062  0.03022  0.00162  3 DT C "C2'" 
152 C "C1'" . DT B 3 ? 0.31214 0.31461 0.19075 -0.00004 0.02465  0.00846  3 DT C "C1'" 
153 N N1    . DT B 3 ? 0.29365 0.29754 0.17310 -0.00332 0.01473  0.01557  3 DT C N1    
154 C C2    . DT B 3 ? 0.32391 0.31873 0.19844 0.00023  0.00813  0.02321  3 DT C C2    
155 O O2    . DT B 3 ? 0.33002 0.32424 0.20270 -0.00288 0.00828  0.02483  3 DT C O2    
156 N N3    . DT B 3 ? 0.36858 0.36762 0.24795 -0.00320 -0.00083 0.02926  3 DT C N3    
157 C C4    . DT B 3 ? 0.36991 0.39681 0.26938 -0.00665 -0.00356 0.03025  3 DT C C4    
158 O O4    . DT B 3 ? 0.37180 0.40893 0.28133 -0.00792 -0.01011 0.03705  3 DT C O4    
159 C C5    . DT B 3 ? 0.31486 0.36561 0.22796 -0.00598 0.00299  0.02307  3 DT C C5    
160 C C7    . DT B 3 ? 0.37807 0.46939 0.31838 -0.00340 0.00141  0.02398  3 DT C C7    
161 C C6    . DT B 3 ? 0.28908 0.32605 0.19126 -0.00614 0.01109  0.01549  3 DT C C6    
162 P P     . DG B 4 ? 0.58026 0.59536 0.47197 -0.00605 0.05190  -0.02170 4 DG C P     
163 O OP1   . DG B 4 ? 0.56356 0.58492 0.45504 -0.00084 0.05212  -0.02249 4 DG C OP1   
164 O OP2   . DG B 4 ? 0.46489 0.45906 0.35004 -0.01357 0.05767  -0.02581 4 DG C OP2   
165 O "O5'" . DG B 4 ? 0.51788 0.55060 0.42615 -0.01114 0.05360  -0.02646 4 DG C "O5'" 
166 C "C5'" . DG B 4 ? 0.47226 0.52212 0.39496 -0.01615 0.05797  -0.03656 4 DG C "C5'" 
167 C "C4'" . DG B 4 ? 0.53881 0.57930 0.46294 -0.02385 0.06596  -0.04409 4 DG C "C4'" 
168 O "O4'" . DG B 4 ? 0.61543 0.67681 0.55635 -0.03035 0.06897  -0.05514 4 DG C "O4'" 
169 C "C3'" . DG B 4 ? 0.49721 0.53040 0.42004 -0.02700 0.06607  -0.04228 4 DG C "C3'" 
170 O "O3'" . DG B 4 ? 0.54809 0.56197 0.46697 -0.03461 0.07472  -0.04776 4 DG C "O3'" 
171 C "C2'" . DG B 4 ? 0.49416 0.55417 0.43404 -0.03001 0.06327  -0.04767 4 DG C "C2'" 
172 C "C1'" . DG B 4 ? 0.48306 0.55801 0.43410 -0.03450 0.06645  -0.05806 4 DG C "C1'" 
173 N N9    . DG B 4 ? 0.48439 0.59052 0.44985 -0.03330 0.05880  -0.06108 4 DG C N9    
174 C C8    . DG B 4 ? 0.52271 0.64172 0.48962 -0.02669 0.04946  -0.05342 4 DG C C8    
175 N N7    . DG B 4 ? 0.53285 0.68279 0.51412 -0.02686 0.04252  -0.05873 4 DG C N7    
176 C C5    . DG B 4 ? 0.52671 0.68386 0.51594 -0.03441 0.04796  -0.07133 4 DG C C5    
177 C C6    . DG B 4 ? 0.50312 0.69031 0.50663 -0.03798 0.04380  -0.08252 4 DG C C6    
178 O O6    . DG B 4 ? 0.53319 0.74721 0.54385 -0.03380 0.03366  -0.08278 4 DG C O6    
179 N N1    . DG B 4 ? 0.46070 0.64491 0.46908 -0.04740 0.05234  -0.09454 4 DG C N1    
180 C C2    . DG B 4 ? 0.48055 0.63597 0.48095 -0.05241 0.06341  -0.09474 4 DG C C2    
181 N N2    . DG B 4 ? 0.45178 0.60829 0.45940 -0.06249 0.07091  -0.10718 4 DG C N2    
182 N N3    . DG B 4 ? 0.53215 0.65965 0.51779 -0.04803 0.06654  -0.08380 4 DG C N3    
183 C C4    . DG B 4 ? 0.52620 0.65638 0.50681 -0.03907 0.05846  -0.07281 4 DG C C4    
184 P P     . DG B 5 ? 0.61000 0.61168 0.52677 -0.03944 0.07810  -0.04810 5 DG C P     
185 O OP1   . DG B 5 ? 0.66536 0.63601 0.57149 -0.04583 0.08708  -0.04998 5 DG C OP1   
186 O OP2   . DG B 5 ? 0.54309 0.54888 0.45548 -0.03198 0.06994  -0.03845 5 DG C OP2   
187 O "O5'" . DG B 5 ? 0.57386 0.59652 0.50750 -0.04624 0.08112  -0.05860 5 DG C "O5'" 
188 C "C5'" . DG B 5 ? 0.54311 0.56954 0.48544 -0.05456 0.08820  -0.06955 5 DG C "C5'" 
189 C "C4'" . DG B 5 ? 0.49535 0.53819 0.45175 -0.06258 0.09051  -0.07991 5 DG C "C4'" 
190 O "O4'" . DG B 5 ? 0.45566 0.53146 0.42589 -0.06041 0.08260  -0.08387 5 DG C "O4'" 
191 C "C3'" . DG B 5 ? 0.49077 0.52791 0.44375 -0.06205 0.09005  -0.07669 5 DG C "C3'" 
192 O "O3'" . DG B 5 ? 0.56568 0.60166 0.52577 -0.07264 0.09783  -0.08739 5 DG C "O3'" 
193 C "C2'" . DG B 5 ? 0.51074 0.57548 0.47141 -0.05501 0.07933  -0.07331 5 DG C "C2'" 
194 C "C1'" . DG B 5 ? 0.49750 0.58609 0.47267 -0.05987 0.07805  -0.08387 5 DG C "C1'" 
195 N N9    . DG B 5 ? 0.49520 0.61155 0.47841 -0.05373 0.06713  -0.08162 5 DG C N9    
196 C C8    . DG B 5 ? 0.53471 0.65322 0.51260 -0.04415 0.05922  -0.06975 5 DG C C8    
197 N N7    . DG B 5 ? 0.54245 0.68883 0.53041 -0.04129 0.04990  -0.07062 5 DG C N7    
198 C C5    . DG B 5 ? 0.47075 0.63497 0.47036 -0.04870 0.05128  -0.08424 5 DG C C5    
199 C C6    . DG B 5 ? 0.43278 0.62967 0.44446 -0.04888 0.04294  -0.09153 5 DG C C6    
200 O O6    . DG B 5 ? 0.42731 0.64416 0.44155 -0.04190 0.03229  -0.08654 5 DG C O6    
201 N N1    . DG B 5 ? 0.38586 0.59203 0.40642 -0.05838 0.04767  -0.10631 5 DG C N1    
202 C C2    . DG B 5 ? 0.39870 0.58471 0.41788 -0.06733 0.05943  -0.11279 5 DG C C2    
203 N N2    . DG B 5 ? 0.48440 0.68416 0.51442 -0.07707 0.06268  -0.12785 5 DG C N2    
204 N N3    . DG B 5 ? 0.40639 0.56119 0.41383 -0.06698 0.06721  -0.10536 5 DG C N3    
205 C C4    . DG B 5 ? 0.43965 0.58558 0.43726 -0.05702 0.06225  -0.09133 5 DG C C4    
206 P P     . DA B 6 ? 0.61914 0.62315 0.56829 -0.07810 0.10807  -0.08670 6 DA C P     
207 O OP1   . DA B 6 ? 0.52414 0.50530 0.46742 -0.08399 0.11681  -0.08852 6 DA C OP1   
208 O OP2   . DA B 6 ? 0.51736 0.51183 0.45480 -0.06872 0.10340  -0.07527 6 DA C OP2   
209 O "O5'" . DA B 6 ? 0.56492 0.57998 0.52604 -0.08817 0.11337  -0.09894 6 DA C "O5'" 
210 C "C5'" . DA B 6 ? 0.59476 0.61868 0.56840 -0.09980 0.11947  -0.11242 6 DA C "C5'" 
211 C "C4'" . DA B 6 ? 0.56260 0.61744 0.55184 -0.10379 0.11519  -0.12281 6 DA C "C4'" 
212 O "O4'" . DA B 6 ? 0.55593 0.63921 0.55172 -0.09536 0.10282  -0.12026 6 DA C "O4'" 
213 C "C3'" . DA B 6 ? 0.64336 0.69718 0.62973 -0.10206 0.11495  -0.12101 6 DA C "C3'" 
214 O "O3'" . DA B 6 ? 0.79301 0.83420 0.78190 -0.11463 0.12666  -0.13104 6 DA C "O3'" 
215 C "C2'" . DA B 6 ? 0.64321 0.73297 0.64125 -0.09775 0.10367  -0.12416 6 DA C "C2'" 
216 C "C1'" . DA B 6 ? 0.57520 0.68243 0.57932 -0.09445 0.09642  -0.12419 6 DA C "C1'" 
217 N N9    . DA B 6 ? 0.49685 0.61821 0.49838 -0.08174 0.08456  -0.11327 6 DA C N9    
218 C C8    . DA B 6 ? 0.50708 0.61269 0.49583 -0.07168 0.08189  -0.09880 6 DA C C8    
219 N N7    . DA B 6 ? 0.48492 0.60827 0.47519 -0.06264 0.07133  -0.09152 6 DA C N7    
220 C C5    . DA B 6 ? 0.43286 0.58559 0.43685 -0.06627 0.06607  -0.10160 6 DA C C5    
221 C C6    . DA B 6 ? 0.45931 0.64072 0.47029 -0.06052 0.05432  -0.10031 6 DA C C6    
222 N N6    . DA B 6 ? 0.47187 0.65599 0.47797 -0.05055 0.04635  -0.08758 6 DA C N6    
223 N N1    . DA B 6 ? 0.44260 0.65021 0.46549 -0.06574 0.05077  -0.11283 6 DA C N1    
224 C C2    . DA B 6 ? 0.44291 0.64821 0.47190 -0.07704 0.05912  -0.12627 6 DA C C2    
225 N N3    . DA B 6 ? 0.45101 0.62977 0.47554 -0.08439 0.07121  -0.12874 6 DA C N3    
226 C C4    . DA B 6 ? 0.43772 0.59055 0.44892 -0.07792 0.07387  -0.11550 6 DA C C4    
227 P P     . DT C 1 ? 0.84995 1.18626 0.87428 -0.00953 -0.00565 -0.09271 1 DT B P     
228 O OP1   . DT C 1 ? 0.57852 0.92801 0.60338 -0.00698 -0.00727 -0.09588 1 DT B OP1   
229 O OP2   . DT C 1 ? 0.64867 0.97684 0.66764 -0.00320 -0.00823 -0.08308 1 DT B OP2   
230 O "O5'" . DT C 1 ? 0.58301 0.92603 0.61599 -0.02056 -0.00086 -0.10888 1 DT B "O5'" 
231 C "C5'" . DT C 1 ? 0.47072 0.81549 0.50992 -0.03041 0.00432  -0.11970 1 DT B "C5'" 
232 C "C4'" . DT C 1 ? 0.48851 0.82903 0.53381 -0.04121 0.01040  -0.13053 1 DT B "C4'" 
233 O "O4'" . DT C 1 ? 0.45980 0.78339 0.50240 -0.04451 0.01341  -0.12537 1 DT B "O4'" 
234 C "C3'" . DT C 1 ? 0.55040 0.89487 0.59634 -0.03937 0.00903  -0.13196 1 DT B "C3'" 
235 O "O3'" . DT C 1 ? 0.68605 1.03744 0.74080 -0.05004 0.01488  -0.14796 1 DT B "O3'" 
236 C "C2'" . DT C 1 ? 0.44121 0.76941 0.48261 -0.03809 0.00939  -0.12259 1 DT B "C2'" 
237 C "C1'" . DT C 1 ? 0.38309 0.70067 0.42664 -0.04740 0.01542  -0.12692 1 DT B "C1'" 
238 N N1    . DT C 1 ? 0.40641 0.70761 0.44461 -0.04659 0.01595  -0.11731 1 DT B N1    
239 C C2    . DT C 1 ? 0.45305 0.74127 0.49348 -0.05812 0.02393  -0.12435 1 DT B C2    
240 O O2    . DT C 1 ? 0.41636 0.70269 0.46290 -0.06913 0.03169  -0.13740 1 DT B O2    
241 N N3    . DT C 1 ? 0.42474 0.69058 0.45672 -0.05341 0.02610  -0.11114 1 DT B N3    
242 C C4    . DT C 1 ? 0.35356 0.62148 0.37999 -0.04301 0.01778  -0.09719 1 DT B C4    
243 O O4    . DT C 1 ? 0.29890 0.54501 0.31799 -0.03952 0.02093  -0.08609 1 DT B O4    
244 C C5    . DT C 1 ? 0.36865 0.65215 0.39472 -0.03344 0.00938  -0.09208 1 DT B C5    
245 C C7    . DT C 1 ? 0.35527 0.63177 0.37444 -0.02167 0.00357  -0.07495 1 DT B C7    
246 C C6    . DT C 1 ? 0.40601 0.70294 0.43683 -0.03507 0.00952  -0.10156 1 DT B C6    
247 P P     . DC C 2 ? 0.69872 1.06385 0.75684 -0.04926 0.01386  -0.15507 2 DC B P     
248 O OP1   . DC C 2 ? 0.54967 0.93190 0.60666 -0.04219 0.00861  -0.15563 2 DC B OP1   
249 O OP2   . DC C 2 ? 0.44402 0.80133 0.49823 -0.04541 0.01258  -0.14764 2 DC B OP2   
250 O "O5'" . DC C 2 ? 0.49966 0.86630 0.56803 -0.06383 0.02284  -0.17240 2 DC B "O5'" 
251 C "C5'" . DC C 2 ? 0.50681 0.85771 0.57772 -0.07423 0.03056  -0.17620 2 DC B "C5'" 
252 C "C4'" . DC C 2 ? 0.59339 0.92784 0.66501 -0.08151 0.03718  -0.17765 2 DC B "C4'" 
253 O "O4'" . DC C 2 ? 0.65928 0.97870 0.72290 -0.07621 0.03454  -0.16410 2 DC B "O4'" 
254 C "C3'" . DC C 2 ? 0.65016 0.99403 0.72452 -0.08055 0.03654  -0.18199 2 DC B "C3'" 
255 O "O3'" . DC C 2 ? 0.63987 0.97988 0.72213 -0.09357 0.04657  -0.19593 2 DC B "O3'" 
256 C "C2'" . DC C 2 ? 0.68269 1.01500 0.75006 -0.07445 0.03357  -0.16971 2 DC B "C2'" 
257 C "C1'" . DC C 2 ? 0.58423 0.89680 0.64704 -0.07713 0.03625  -0.16282 2 DC B "C1'" 
258 N N1    . DC C 2 ? 0.43264 0.73795 0.48676 -0.06724 0.02990  -0.14726 2 DC B N1    
259 C C2    . DC C 2 ? 0.39800 0.67994 0.44729 -0.07026 0.03552  -0.14131 2 DC B C2    
260 O O2    . DC C 2 ? 0.45879 0.72121 0.50876 -0.07925 0.04692  -0.14660 2 DC B O2    
261 N N3    . DC C 2 ? 0.39670 0.66945 0.43727 -0.05982 0.03077  -0.12556 2 DC B N3    
262 C C4    . DC C 2 ? 0.39299 0.68419 0.43199 -0.04984 0.01949  -0.11887 2 DC B C4    
263 N N4    . DC C 2 ? 0.34801 0.63141 0.37990 -0.04143 0.01490  -0.10456 2 DC B N4    
264 C C5    . DC C 2 ? 0.45122 0.75922 0.49280 -0.04529 0.01572  -0.12240 2 DC B C5    
265 C C6    . DC C 2 ? 0.43059 0.74667 0.47978 -0.05413 0.02061  -0.13694 2 DC B C6    
266 P P     . DC C 3 ? 0.68142 1.02702 0.76772 -0.09612 0.04933  -0.20254 3 DC B P     
267 O OP1   . DC C 3 ? 0.66454 1.01261 0.75999 -0.10857 0.05877  -0.21854 3 DC B OP1   
268 O OP2   . DC C 3 ? 0.41694 0.78206 0.50020 -0.08351 0.03938  -0.19710 3 DC B OP2   
269 O "O5'" . DC C 3 ? 0.59143 0.91219 0.67291 -0.09918 0.05413  -0.19526 3 DC B "O5'" 
270 C "C5'" . DC C 3 ? 0.59902 0.89432 0.67815 -0.10772 0.06250  -0.19400 3 DC B "C5'" 
271 C "C4'" . DC C 3 ? 0.57607 0.84490 0.64984 -0.10976 0.07103  -0.18822 3 DC B "C4'" 
272 O "O4'" . DC C 3 ? 0.53671 0.79247 0.59879 -0.09702 0.06585  -0.16971 3 DC B "O4'" 
273 C "C3'" . DC C 3 ? 0.59428 0.87140 0.67207 -0.10929 0.07343  -0.19336 3 DC B "C3'" 
274 O "O3'" . DC C 3 ? 0.57761 0.82707 0.65272 -0.11603 0.08706  -0.19361 3 DC B "O3'" 
275 C "C2'" . DC C 3 ? 0.62308 0.90432 0.69317 -0.09387 0.06443  -0.17858 3 DC B "C2'" 
276 C "C1'" . DC C 3 ? 0.50308 0.75850 0.56193 -0.08938 0.06485  -0.16363 3 DC B "C1'" 
277 N N1    . DC C 3 ? 0.40030 0.66295 0.45267 -0.07617 0.05367  -0.15020 3 DC B N1    
278 C C2    . DC C 3 ? 0.44288 0.67980 0.48327 -0.06895 0.05572  -0.13474 3 DC B C2    
279 O O2    . DC C 3 ? 0.49581 0.70510 0.53009 -0.07305 0.06630  -0.13274 3 DC B O2    
280 N N3    . DC C 3 ? 0.51007 0.75285 0.54514 -0.05791 0.04607  -0.12278 3 DC B N3    
281 C C4    . DC C 3 ? 0.54754 0.82058 0.58809 -0.05357 0.03452  -0.12538 3 DC B C4    
282 N N4    . DC C 3 ? 0.50778 0.78568 0.54280 -0.04306 0.02533  -0.11312 3 DC B N4    
283 C C5    . DC C 3 ? 0.51655 0.81597 0.56733 -0.05992 0.03186  -0.14100 3 DC B C5    
284 C C6    . DC C 3 ? 0.46398 0.75751 0.52097 -0.07140 0.04169  -0.15334 3 DC B C6    
285 P P     . DG C 4 ? 0.72230 0.97864 0.80428 -0.12008 0.09408  -0.20348 4 DG B P     
286 O OP1   . DG C 4 ? 0.81408 1.09095 0.90928 -0.13295 0.09602  -0.22349 4 DG B OP1   
287 O OP2   . DG C 4 ? 0.50590 0.77657 0.58555 -0.10668 0.08687  -0.19578 4 DG B OP2   
288 O "O5'" . DG C 4 ? 0.65801 0.87494 0.73112 -0.12438 0.10850  -0.19729 4 DG B "O5'" 
289 C "C5'" . DG C 4 ? 0.59659 0.78445 0.65551 -0.11899 0.10940  -0.18182 4 DG B "C5'" 
290 C "C4'" . DG C 4 ? 0.56601 0.73202 0.61283 -0.11037 0.11377  -0.16944 4 DG B "C4'" 
291 O "O4'" . DG C 4 ? 0.57433 0.74218 0.61219 -0.09618 0.10350  -0.15486 4 DG B "O4'" 
292 C "C3'" . DG C 4 ? 0.59304 0.77002 0.64531 -0.10916 0.11792  -0.17507 4 DG B "C3'" 
293 O "O3'" . DG C 4 ? 0.68259 0.82845 0.72192 -0.10623 0.12723  -0.16606 4 DG B "O3'" 
294 C "C2'" . DG C 4 ? 0.53316 0.73623 0.58687 -0.09612 0.10512  -0.16948 4 DG B "C2'" 
295 C "C1'" . DG C 4 ? 0.57712 0.76060 0.61662 -0.08743 0.10000  -0.15314 4 DG B "C1'" 
296 N N9    . DG C 4 ? 0.61565 0.82052 0.65596 -0.07761 0.08642  -0.14712 4 DG B N9    
297 C C8    . DG C 4 ? 0.52434 0.76381 0.57621 -0.07763 0.07672  -0.15563 4 DG B C8    
298 N N7    . DG C 4 ? 0.44116 0.69119 0.48931 -0.06760 0.06558  -0.14639 4 DG B N7    
299 C C5    . DG C 4 ? 0.47289 0.69370 0.50712 -0.06114 0.06842  -0.13143 4 DG B C5    
300 C C6    . DG C 4 ? 0.47939 0.69556 0.50462 -0.05054 0.06073  -0.11733 4 DG B C6    
301 O O6    . DG C 4 ? 0.52697 0.76440 0.55510 -0.04442 0.04956  -0.11439 4 DG B O6    
302 N N1    . DG C 4 ? 0.48170 0.66445 0.49231 -0.04728 0.06704  -0.10623 4 DG B N1    
303 C C2    . DG C 4 ? 0.51808 0.67510 0.52230 -0.05283 0.07868  -0.10796 4 DG B C2    
304 N N2    . DG C 4 ? 0.57660 0.70344 0.56404 -0.04778 0.08199  -0.09653 4 DG B N2    
305 N N3    . DG C 4 ? 0.54535 0.70599 0.55838 -0.06288 0.08621  -0.12040 4 DG B N3    
306 C C4    . DG C 4 ? 0.54757 0.74071 0.57597 -0.06678 0.08075  -0.13186 4 DG B C4    
307 P P     . DC C 5 ? 0.65955 0.80728 0.69736 -0.09945 0.13226  -0.16474 5 DC B P     
308 O OP1   . DC C 5 ? 0.58569 0.69639 0.61075 -0.10272 0.14458  -0.15990 5 DC B OP1   
309 O OP2   . DC C 5 ? 0.52637 0.70754 0.58147 -0.10329 0.13177  -0.17909 5 DC B OP2   
310 O "O5'" . DC C 5 ? 0.57228 0.72262 0.59957 -0.08273 0.12215  -0.14982 5 DC B "O5'" 
311 C "C5'" . DC C 5 ? 0.64938 0.77163 0.65932 -0.07664 0.12073  -0.13570 5 DC B "C5'" 
312 C "C4'" . DC C 5 ? 0.67313 0.78937 0.67067 -0.06222 0.11850  -0.12432 5 DC B "C4'" 
313 O "O4'" . DC C 5 ? 0.67003 0.80124 0.66696 -0.05306 0.10611  -0.11703 5 DC B "O4'" 
314 C "C3'" . DC C 5 ? 0.59676 0.72919 0.60112 -0.05875 0.12303  -0.13005 5 DC B "C3'" 
315 O "O3'" . DC C 5 ? 0.77551 0.88560 0.76289 -0.04881 0.12799  -0.12047 5 DC B "O3'" 
316 C "C2'" . DC C 5 ? 0.60997 0.77574 0.62450 -0.05216 0.11155  -0.13100 5 DC B "C2'" 
317 C "C1'" . DC C 5 ? 0.59470 0.74857 0.59733 -0.04514 0.10276  -0.11819 5 DC B "C1'" 
318 N N1    . DC C 5 ? 0.45644 0.63895 0.46940 -0.04339 0.09036  -0.11963 5 DC B N1    
319 C C2    . DC C 5 ? 0.47296 0.65010 0.47694 -0.03525 0.08187  -0.10776 5 DC B C2    
320 O O2    . DC C 5 ? 0.49514 0.64314 0.48215 -0.02980 0.08489  -0.09683 5 DC B O2    
321 N N3    . DC C 5 ? 0.49577 0.70003 0.50898 -0.03354 0.07013  -0.10895 5 DC B N3    
322 C C4    . DC C 5 ? 0.53337 0.76850 0.56201 -0.03901 0.06624  -0.12170 5 DC B C4    
323 N N4    . DC C 5 ? 0.53214 0.79310 0.56657 -0.03612 0.05379  -0.12233 5 DC B N4    
324 C C5    . DC C 5 ? 0.54271 0.78353 0.58035 -0.04769 0.07481  -0.13474 5 DC B C5    
325 C C6    . DC C 5 ? 0.48375 0.69791 0.51405 -0.04983 0.08702  -0.13299 5 DC B C6    
# 
